data_7C69
#
_entry.id   7C69
#
_cell.length_a   62.790
_cell.length_b   108.930
_cell.length_c   109.990
_cell.angle_alpha   90.000
_cell.angle_beta   90.000
_cell.angle_gamma   90.000
#
_symmetry.space_group_name_H-M   'P 21 21 21'
#
loop_
_entity.id
_entity.type
_entity.pdbx_description
1 polymer 'Sugar ABC transporter, periplasmic sugar-binding protein'
2 branched beta-D-glucopyranose-(1-2)-beta-D-glucopyranose
3 non-polymer 'CHLORIDE ION'
4 non-polymer 1,2-ETHANEDIOL
5 water water
#
_entity_poly.entity_id   1
_entity_poly.type   'polypeptide(L)'
_entity_poly.pdbx_seq_one_letter_code
;MQKTLEVWIMPNSPQPAEDFKALVAPFEKAHGVEVKVTVLDWGVAWTKITTAATSGVGPDLTQLGTTWVGAISAMGVLEP
VDDVLEALGGEKAYLPAVWRTTRLEGARQATAVPWFSELRAFYYRTDALKAAGVNPAEMFASWQGFEAGLARLKASSFRD
PETKAPLAPLCTPGKNSWDVLHNAAPWIWGAGGEIVRQAGGRWQSALNSPESLEGLYFFLSLAQKGYVPAESLEKNTAQI
EADFQAGKCAVFASGPWMIQRAQVPEAKGGFAERTAAKNLGVAPYPAGPKGRYTFFGGSNLALFNFSKNKPLAKELLKYL
GGPEAQVRYAQMTGMLPALRSAWSDPSFQQNPLLRTFIQAAQFGRTYPSLAGWGGVENLAVQHLGMAWDLVAQGRLTREA
LKDLMDKASAAINQALRHHHHHH
;
_entity_poly.pdbx_strand_id   A,B
#
loop_
_chem_comp.id
_chem_comp.type
_chem_comp.name
_chem_comp.formula
BGC D-saccharide, beta linking beta-D-glucopyranose 'C6 H12 O6'
CL non-polymer 'CHLORIDE ION' 'Cl -1'
EDO non-polymer 1,2-ETHANEDIOL 'C2 H6 O2'
#
# COMPACT_ATOMS: atom_id res chain seq x y z
N GLN A 2 -28.28 1.48 -24.10
CA GLN A 2 -26.80 1.80 -24.06
C GLN A 2 -26.08 0.78 -23.17
N LYS A 3 -25.56 -0.30 -23.76
CA LYS A 3 -25.08 -1.49 -23.01
C LYS A 3 -23.84 -1.10 -22.17
N THR A 4 -23.86 -1.40 -20.86
CA THR A 4 -22.79 -1.04 -19.90
C THR A 4 -22.34 -2.26 -19.09
N LEU A 5 -21.03 -2.45 -18.94
CA LEU A 5 -20.41 -3.50 -18.08
C LEU A 5 -19.47 -2.81 -17.08
N GLU A 6 -19.39 -3.34 -15.85
CA GLU A 6 -18.50 -2.84 -14.77
C GLU A 6 -17.44 -3.91 -14.45
N VAL A 7 -16.15 -3.53 -14.45
CA VAL A 7 -15.01 -4.43 -14.18
C VAL A 7 -14.13 -3.85 -13.07
N TRP A 8 -13.86 -4.66 -12.04
CA TRP A 8 -12.85 -4.41 -10.98
C TRP A 8 -11.52 -5.03 -11.39
N ILE A 9 -10.44 -4.25 -11.32
CA ILE A 9 -9.09 -4.77 -11.61
C ILE A 9 -8.16 -4.30 -10.49
N MET A 10 -7.05 -5.02 -10.34
CA MET A 10 -5.90 -4.60 -9.49
C MET A 10 -4.91 -3.85 -10.37
N PRO A 11 -3.88 -3.14 -9.82
CA PRO A 11 -2.96 -2.35 -10.61
C PRO A 11 -1.94 -3.14 -11.43
N ASN A 12 -2.29 -3.67 -12.58
CA ASN A 12 -1.46 -4.68 -13.32
C ASN A 12 -0.45 -3.94 -14.20
N SER A 13 -0.69 -2.66 -14.48
CA SER A 13 0.08 -1.84 -15.46
C SER A 13 0.36 -0.45 -14.87
N PRO A 14 1.27 0.34 -15.50
CA PRO A 14 1.67 1.63 -14.95
C PRO A 14 0.52 2.65 -14.87
N GLN A 15 -0.45 2.59 -15.77
CA GLN A 15 -1.67 3.45 -15.76
C GLN A 15 -2.87 2.53 -15.84
N PRO A 16 -3.27 1.93 -14.70
CA PRO A 16 -4.12 0.74 -14.71
C PRO A 16 -5.46 0.93 -15.42
N ALA A 17 -6.17 2.01 -15.09
CA ALA A 17 -7.51 2.29 -15.66
C ALA A 17 -7.35 2.51 -17.16
N GLU A 18 -6.43 3.37 -17.49
CA GLU A 18 -6.24 3.95 -18.86
C GLU A 18 -5.80 2.83 -19.81
N ASP A 19 -4.88 1.98 -19.37
CA ASP A 19 -4.40 0.81 -20.15
C ASP A 19 -5.56 -0.18 -20.35
N PHE A 20 -6.36 -0.43 -19.34
CA PHE A 20 -7.45 -1.41 -19.44
C PHE A 20 -8.51 -0.89 -20.42
N LYS A 21 -8.83 0.40 -20.34
CA LYS A 21 -9.69 1.11 -21.31
C LYS A 21 -9.10 0.94 -22.73
N ALA A 22 -7.81 1.13 -22.94
CA ALA A 22 -7.15 0.88 -24.25
C ALA A 22 -7.35 -0.59 -24.67
N LEU A 23 -7.24 -1.56 -23.77
CA LEU A 23 -7.36 -3.03 -24.06
C LEU A 23 -8.75 -3.39 -24.56
N VAL A 24 -9.79 -2.83 -23.95
CA VAL A 24 -11.18 -3.22 -24.26
C VAL A 24 -11.74 -2.31 -25.36
N ALA A 25 -11.00 -1.28 -25.82
CA ALA A 25 -11.50 -0.35 -26.87
C ALA A 25 -12.00 -1.11 -28.09
N PRO A 26 -11.29 -2.12 -28.66
CA PRO A 26 -11.83 -2.82 -29.84
C PRO A 26 -13.12 -3.62 -29.53
N PHE A 27 -13.31 -4.13 -28.30
CA PHE A 27 -14.56 -4.82 -27.92
C PHE A 27 -15.71 -3.80 -27.73
N GLU A 28 -15.43 -2.63 -27.13
CA GLU A 28 -16.45 -1.55 -26.99
C GLU A 28 -16.95 -1.16 -28.38
N LYS A 29 -16.06 -1.01 -29.36
CA LYS A 29 -16.38 -0.55 -30.74
C LYS A 29 -17.23 -1.59 -31.48
N ALA A 30 -16.90 -2.88 -31.37
CA ALA A 30 -17.60 -3.99 -32.05
C ALA A 30 -19.02 -4.11 -31.51
N HIS A 31 -19.22 -3.93 -30.21
CA HIS A 31 -20.53 -4.21 -29.56
C HIS A 31 -21.29 -2.94 -29.20
N GLY A 32 -20.67 -1.77 -29.27
CA GLY A 32 -21.33 -0.53 -28.82
C GLY A 32 -21.64 -0.59 -27.33
N VAL A 33 -20.67 -1.09 -26.56
CA VAL A 33 -20.75 -1.25 -25.08
C VAL A 33 -19.72 -0.32 -24.47
N GLU A 34 -20.05 0.28 -23.31
CA GLU A 34 -19.08 0.96 -22.42
C GLU A 34 -18.67 0.05 -21.26
N VAL A 35 -17.37 -0.27 -21.16
CA VAL A 35 -16.79 -1.05 -20.03
C VAL A 35 -16.20 -0.04 -19.04
N LYS A 36 -16.90 0.15 -17.92
CA LYS A 36 -16.47 1.01 -16.79
C LYS A 36 -15.50 0.17 -15.96
N VAL A 37 -14.41 0.78 -15.49
CA VAL A 37 -13.35 0.07 -14.76
C VAL A 37 -13.15 0.76 -13.40
N THR A 38 -12.94 -0.02 -12.33
CA THR A 38 -12.53 0.44 -10.98
C THR A 38 -11.28 -0.35 -10.57
N VAL A 39 -10.32 0.33 -9.98
CA VAL A 39 -8.98 -0.19 -9.59
C VAL A 39 -8.96 -0.40 -8.06
N LEU A 40 -8.75 -1.63 -7.59
CA LEU A 40 -8.59 -1.99 -6.15
C LEU A 40 -7.13 -2.34 -5.91
N ASP A 41 -6.52 -1.71 -4.90
CA ASP A 41 -5.15 -2.04 -4.47
C ASP A 41 -5.15 -3.53 -4.02
N TRP A 42 -4.05 -4.24 -4.32
CA TRP A 42 -3.84 -5.65 -3.87
C TRP A 42 -4.08 -5.80 -2.37
N GLY A 43 -3.58 -4.86 -1.54
CA GLY A 43 -3.78 -4.87 -0.07
C GLY A 43 -5.23 -4.97 0.35
N VAL A 44 -6.16 -4.31 -0.33
CA VAL A 44 -7.59 -4.21 0.09
C VAL A 44 -8.47 -5.12 -0.78
N ALA A 45 -7.93 -5.73 -1.82
CA ALA A 45 -8.68 -6.49 -2.86
C ALA A 45 -9.46 -7.62 -2.20
N TRP A 46 -8.84 -8.38 -1.31
CA TRP A 46 -9.53 -9.50 -0.65
C TRP A 46 -10.75 -8.97 0.10
N THR A 47 -10.56 -7.91 0.89
CA THR A 47 -11.66 -7.28 1.68
C THR A 47 -12.80 -6.87 0.73
N LYS A 48 -12.48 -6.11 -0.31
CA LYS A 48 -13.53 -5.49 -1.18
C LYS A 48 -14.23 -6.61 -1.97
N ILE A 49 -13.49 -7.58 -2.51
CA ILE A 49 -14.09 -8.68 -3.32
C ILE A 49 -14.97 -9.58 -2.44
N THR A 50 -14.54 -9.95 -1.24
CA THR A 50 -15.41 -10.82 -0.40
C THR A 50 -16.62 -10.01 0.07
N THR A 51 -16.48 -8.70 0.28
CA THR A 51 -17.64 -7.86 0.68
C THR A 51 -18.67 -7.83 -0.46
N ALA A 52 -18.23 -7.68 -1.70
CA ALA A 52 -19.14 -7.73 -2.88
C ALA A 52 -19.86 -9.09 -2.88
N ALA A 53 -19.10 -10.16 -2.69
CA ALA A 53 -19.63 -11.54 -2.68
C ALA A 53 -20.75 -11.68 -1.64
N THR A 54 -20.57 -11.31 -0.38
CA THR A 54 -21.58 -11.59 0.68
C THR A 54 -22.70 -10.55 0.62
N SER A 55 -22.44 -9.36 0.06
CA SER A 55 -23.47 -8.26 -0.01
C SER A 55 -24.37 -8.43 -1.24
N GLY A 56 -23.84 -9.03 -2.31
CA GLY A 56 -24.59 -9.23 -3.57
C GLY A 56 -24.53 -7.98 -4.43
N VAL A 57 -23.62 -7.05 -4.14
CA VAL A 57 -23.46 -5.80 -4.94
C VAL A 57 -21.99 -5.61 -5.30
N GLY A 58 -21.75 -5.28 -6.56
CA GLY A 58 -20.41 -5.05 -7.09
C GLY A 58 -20.43 -5.11 -8.61
N PRO A 59 -19.32 -5.53 -9.24
CA PRO A 59 -19.20 -5.44 -10.68
C PRO A 59 -19.86 -6.63 -11.37
N ASP A 60 -19.87 -6.63 -12.70
CA ASP A 60 -20.16 -7.83 -13.51
C ASP A 60 -18.92 -8.73 -13.44
N LEU A 61 -17.73 -8.20 -13.78
CA LEU A 61 -16.46 -8.97 -13.77
C LEU A 61 -15.56 -8.40 -12.68
N THR A 62 -14.77 -9.29 -12.03
CA THR A 62 -13.63 -8.91 -11.17
C THR A 62 -12.39 -9.68 -11.59
N GLN A 63 -11.24 -9.04 -11.53
CA GLN A 63 -9.94 -9.73 -11.46
C GLN A 63 -9.91 -10.52 -10.16
N LEU A 64 -9.39 -11.75 -10.22
CA LEU A 64 -9.10 -12.58 -9.04
C LEU A 64 -7.68 -13.09 -9.20
N GLY A 65 -6.84 -12.94 -8.18
CA GLY A 65 -5.63 -13.75 -8.10
C GLY A 65 -5.98 -15.22 -8.28
N THR A 66 -5.19 -15.93 -9.06
CA THR A 66 -5.30 -17.39 -9.27
C THR A 66 -5.50 -18.15 -7.94
N THR A 67 -4.82 -17.79 -6.87
CA THR A 67 -4.89 -18.49 -5.53
C THR A 67 -6.22 -18.25 -4.81
N TRP A 68 -7.05 -17.29 -5.26
CA TRP A 68 -8.34 -16.88 -4.65
C TRP A 68 -9.55 -17.54 -5.35
N VAL A 69 -9.35 -18.14 -6.51
CA VAL A 69 -10.49 -18.59 -7.35
C VAL A 69 -11.32 -19.67 -6.61
N GLY A 70 -10.67 -20.70 -6.09
CA GLY A 70 -11.39 -21.72 -5.31
C GLY A 70 -12.11 -21.06 -4.16
N ALA A 71 -11.44 -20.14 -3.45
CA ALA A 71 -11.97 -19.52 -2.23
C ALA A 71 -13.26 -18.74 -2.55
N ILE A 72 -13.29 -17.92 -3.60
CA ILE A 72 -14.48 -17.08 -3.93
C ILE A 72 -15.52 -18.05 -4.53
N SER A 73 -15.09 -19.08 -5.28
CA SER A 73 -16.01 -20.02 -5.92
C SER A 73 -16.85 -20.71 -4.83
N ALA A 74 -16.20 -21.09 -3.72
CA ALA A 74 -16.82 -21.87 -2.64
C ALA A 74 -17.77 -20.98 -1.82
N MET A 75 -17.78 -19.66 -2.04
CA MET A 75 -18.82 -18.75 -1.44
C MET A 75 -20.08 -18.83 -2.30
N GLY A 76 -20.04 -19.58 -3.42
CA GLY A 76 -21.17 -19.85 -4.34
C GLY A 76 -21.59 -18.61 -5.14
N VAL A 77 -20.71 -17.62 -5.32
CA VAL A 77 -21.14 -16.32 -5.97
C VAL A 77 -20.61 -16.20 -7.39
N LEU A 78 -19.94 -17.21 -7.96
CA LEU A 78 -19.39 -17.06 -9.35
C LEU A 78 -20.23 -17.83 -10.37
N GLU A 79 -20.28 -17.26 -11.57
CA GLU A 79 -20.97 -17.89 -12.71
C GLU A 79 -20.09 -18.97 -13.34
N PRO A 80 -20.63 -20.15 -13.71
CA PRO A 80 -19.93 -21.08 -14.57
C PRO A 80 -19.50 -20.47 -15.91
N VAL A 81 -18.31 -20.83 -16.34
CA VAL A 81 -17.69 -20.29 -17.58
C VAL A 81 -17.03 -21.43 -18.35
N ASP A 82 -17.52 -22.67 -18.25
CA ASP A 82 -17.07 -23.79 -19.14
C ASP A 82 -17.31 -23.41 -20.62
N ASP A 83 -18.38 -22.68 -20.93
CA ASP A 83 -18.72 -22.27 -22.33
C ASP A 83 -17.60 -21.40 -22.89
N VAL A 84 -17.21 -20.37 -22.13
CA VAL A 84 -16.15 -19.41 -22.50
C VAL A 84 -14.84 -20.17 -22.70
N LEU A 85 -14.47 -21.04 -21.74
CA LEU A 85 -13.18 -21.77 -21.79
C LEU A 85 -13.16 -22.74 -22.99
N GLU A 86 -14.28 -23.45 -23.27
CA GLU A 86 -14.39 -24.36 -24.45
C GLU A 86 -14.09 -23.53 -25.70
N ALA A 87 -14.76 -22.37 -25.85
CA ALA A 87 -14.61 -21.47 -27.02
C ALA A 87 -13.15 -20.97 -27.14
N LEU A 88 -12.44 -20.78 -26.04
CA LEU A 88 -11.00 -20.45 -26.06
C LEU A 88 -10.09 -21.66 -26.32
N GLY A 89 -10.60 -22.91 -26.37
CA GLY A 89 -9.80 -24.09 -26.78
C GLY A 89 -9.65 -25.14 -25.68
N GLY A 90 -10.36 -24.98 -24.56
CA GLY A 90 -10.47 -25.97 -23.48
C GLY A 90 -9.15 -26.24 -22.78
N GLU A 91 -9.01 -27.43 -22.22
CA GLU A 91 -7.88 -27.78 -21.32
C GLU A 91 -6.53 -27.60 -22.05
N LYS A 92 -6.46 -27.99 -23.33
CA LYS A 92 -5.21 -28.03 -24.15
C LYS A 92 -4.59 -26.63 -24.29
N ALA A 93 -5.41 -25.55 -24.29
CA ALA A 93 -4.93 -24.18 -24.58
C ALA A 93 -4.14 -23.58 -23.40
N TYR A 94 -4.12 -24.24 -22.24
CA TYR A 94 -3.41 -23.72 -21.05
C TYR A 94 -2.44 -24.77 -20.47
N LEU A 95 -1.30 -24.30 -20.01
CA LEU A 95 -0.43 -24.97 -19.03
C LEU A 95 -1.33 -25.70 -18.02
N PRO A 96 -1.04 -26.98 -17.64
CA PRO A 96 -1.85 -27.70 -16.64
C PRO A 96 -2.13 -26.93 -15.35
N ALA A 97 -1.12 -26.21 -14.85
CA ALA A 97 -1.14 -25.36 -13.63
C ALA A 97 -2.10 -24.14 -13.75
N VAL A 98 -2.15 -23.48 -14.92
CA VAL A 98 -3.10 -22.36 -15.21
C VAL A 98 -4.51 -22.94 -15.28
N TRP A 99 -4.66 -24.15 -15.85
CA TRP A 99 -5.99 -24.79 -15.98
C TRP A 99 -6.61 -25.05 -14.60
N ARG A 100 -5.79 -25.39 -13.60
CA ARG A 100 -6.27 -25.76 -12.24
C ARG A 100 -6.80 -24.53 -11.48
N THR A 101 -6.39 -23.33 -11.87
CA THR A 101 -6.82 -22.01 -11.29
C THR A 101 -8.14 -21.54 -11.89
N THR A 102 -8.70 -22.27 -12.84
CA THR A 102 -10.06 -21.96 -13.38
C THR A 102 -11.18 -22.47 -12.46
N ARG A 103 -10.91 -23.24 -11.38
CA ARG A 103 -11.99 -23.93 -10.60
C ARG A 103 -11.59 -24.13 -9.14
N LEU A 104 -12.59 -24.23 -8.25
CA LEU A 104 -12.38 -24.83 -6.91
C LEU A 104 -11.88 -26.28 -7.14
N GLU A 105 -10.86 -26.70 -6.38
CA GLU A 105 -10.35 -28.09 -6.55
C GLU A 105 -11.52 -29.05 -6.32
N GLY A 106 -11.80 -29.87 -7.32
CA GLY A 106 -12.79 -30.97 -7.24
C GLY A 106 -14.18 -30.55 -7.68
N ALA A 107 -14.35 -29.35 -8.23
CA ALA A 107 -15.65 -28.84 -8.74
C ALA A 107 -15.85 -29.30 -10.19
N ARG A 108 -17.10 -29.62 -10.52
CA ARG A 108 -17.62 -29.99 -11.87
C ARG A 108 -17.26 -28.87 -12.88
N GLN A 109 -17.54 -27.62 -12.52
CA GLN A 109 -17.52 -26.44 -13.43
C GLN A 109 -16.40 -25.44 -13.11
N ALA A 110 -15.74 -24.94 -14.15
CA ALA A 110 -14.82 -23.78 -14.07
C ALA A 110 -15.62 -22.56 -13.59
N THR A 111 -15.01 -21.69 -12.81
CA THR A 111 -15.63 -20.46 -12.34
C THR A 111 -14.75 -19.24 -12.65
N ALA A 112 -13.65 -19.40 -13.36
CA ALA A 112 -12.78 -18.28 -13.73
C ALA A 112 -12.04 -18.54 -15.06
N VAL A 113 -11.78 -17.45 -15.79
CA VAL A 113 -11.09 -17.45 -17.10
C VAL A 113 -9.67 -16.90 -16.89
N PRO A 114 -8.64 -17.68 -17.29
CA PRO A 114 -7.28 -17.23 -17.15
C PRO A 114 -7.05 -15.93 -17.93
N TRP A 115 -6.35 -14.97 -17.32
CA TRP A 115 -6.16 -13.62 -17.91
C TRP A 115 -4.69 -13.35 -18.17
N PHE A 116 -3.88 -13.44 -17.13
CA PHE A 116 -2.42 -13.27 -17.25
C PHE A 116 -1.72 -14.17 -16.22
N SER A 117 -0.49 -14.56 -16.57
CA SER A 117 0.39 -15.36 -15.68
C SER A 117 1.59 -14.49 -15.23
N GLU A 118 2.24 -14.95 -14.19
CA GLU A 118 3.21 -14.15 -13.42
C GLU A 118 4.02 -15.24 -12.72
N LEU A 119 5.32 -15.19 -12.82
CA LEU A 119 6.15 -16.01 -11.92
C LEU A 119 7.35 -15.18 -11.45
N ARG A 120 8.09 -15.72 -10.49
CA ARG A 120 9.01 -14.90 -9.67
C ARG A 120 10.42 -15.29 -10.09
N ALA A 121 11.26 -14.27 -10.19
CA ALA A 121 12.71 -14.44 -10.40
C ALA A 121 13.42 -13.26 -9.73
N PHE A 122 14.73 -13.30 -9.73
CA PHE A 122 15.57 -12.31 -9.01
C PHE A 122 16.05 -11.27 -10.01
N TYR A 123 15.65 -10.03 -9.81
CA TYR A 123 16.29 -8.86 -10.43
C TYR A 123 17.58 -8.61 -9.65
N TYR A 124 18.65 -8.29 -10.37
CA TYR A 124 19.93 -7.90 -9.74
C TYR A 124 20.51 -6.71 -10.51
N ARG A 125 21.35 -5.94 -9.83
CA ARG A 125 22.10 -4.82 -10.42
C ARG A 125 23.38 -5.36 -11.06
N THR A 126 23.47 -5.31 -12.40
CA THR A 126 24.66 -5.82 -13.15
C THR A 126 25.93 -5.12 -12.67
N ASP A 127 25.87 -3.82 -12.43
CA ASP A 127 27.03 -3.00 -12.00
C ASP A 127 27.46 -3.47 -10.59
N ALA A 128 26.51 -3.72 -9.68
CA ALA A 128 26.79 -4.03 -8.26
C ALA A 128 27.46 -5.41 -8.15
N LEU A 129 26.91 -6.42 -8.82
CA LEU A 129 27.49 -7.78 -8.86
C LEU A 129 28.86 -7.74 -9.55
N LYS A 130 29.02 -6.95 -10.62
CA LYS A 130 30.35 -6.85 -11.27
C LYS A 130 31.35 -6.26 -10.24
N ALA A 131 31.07 -5.09 -9.65
CA ALA A 131 32.00 -4.45 -8.69
C ALA A 131 32.28 -5.37 -7.48
N ALA A 132 31.40 -6.32 -7.14
CA ALA A 132 31.53 -7.21 -5.96
C ALA A 132 32.25 -8.53 -6.33
N GLY A 133 32.49 -8.78 -7.62
CA GLY A 133 33.17 -10.01 -8.07
C GLY A 133 32.24 -11.21 -8.13
N VAL A 134 30.92 -10.97 -8.18
CA VAL A 134 29.87 -12.03 -8.15
C VAL A 134 29.51 -12.40 -9.59
N ASN A 135 29.76 -13.67 -9.94
CA ASN A 135 29.27 -14.35 -11.17
C ASN A 135 27.81 -14.72 -10.90
N PRO A 136 26.85 -14.06 -11.58
CA PRO A 136 25.43 -14.37 -11.47
C PRO A 136 25.10 -15.85 -11.68
N ALA A 137 25.68 -16.51 -12.68
CA ALA A 137 25.45 -17.93 -12.97
C ALA A 137 25.76 -18.78 -11.71
N GLU A 138 26.74 -18.39 -10.88
CA GLU A 138 27.03 -19.15 -9.63
C GLU A 138 26.18 -18.59 -8.46
N MET A 139 25.91 -17.31 -8.39
CA MET A 139 25.08 -16.77 -7.30
C MET A 139 23.69 -17.39 -7.36
N PHE A 140 23.14 -17.62 -8.56
CA PHE A 140 21.71 -17.99 -8.70
C PHE A 140 21.54 -19.49 -8.97
N ALA A 141 22.62 -20.28 -8.85
CA ALA A 141 22.59 -21.74 -9.11
C ALA A 141 22.08 -22.52 -7.87
N SER A 142 22.49 -22.11 -6.67
CA SER A 142 22.27 -22.88 -5.41
C SER A 142 22.12 -21.95 -4.20
N TRP A 143 21.52 -22.46 -3.12
CA TRP A 143 21.42 -21.75 -1.83
C TRP A 143 22.80 -21.32 -1.34
N GLN A 144 23.78 -22.21 -1.46
CA GLN A 144 25.20 -21.97 -1.09
C GLN A 144 25.73 -20.74 -1.86
N GLY A 145 25.68 -20.77 -3.19
CA GLY A 145 26.08 -19.63 -4.06
C GLY A 145 25.31 -18.34 -3.72
N PHE A 146 23.99 -18.44 -3.50
CA PHE A 146 23.12 -17.27 -3.19
C PHE A 146 23.61 -16.61 -1.89
N GLU A 147 23.85 -17.40 -0.85
CA GLU A 147 24.39 -16.85 0.43
C GLU A 147 25.76 -16.20 0.17
N ALA A 148 26.63 -16.86 -0.62
CA ALA A 148 28.02 -16.45 -0.95
C ALA A 148 28.00 -15.10 -1.67
N GLY A 149 27.05 -14.91 -2.59
CA GLY A 149 26.89 -13.62 -3.32
C GLY A 149 26.40 -12.50 -2.40
N LEU A 150 25.40 -12.78 -1.56
CA LEU A 150 24.92 -11.76 -0.61
C LEU A 150 26.09 -11.29 0.29
N ALA A 151 26.95 -12.21 0.73
CA ALA A 151 28.08 -11.88 1.65
C ALA A 151 29.14 -11.01 0.92
N ARG A 152 29.46 -11.31 -0.33
CA ARG A 152 30.33 -10.43 -1.16
C ARG A 152 29.66 -9.05 -1.31
N LEU A 153 28.35 -9.02 -1.64
CA LEU A 153 27.61 -7.75 -1.82
C LEU A 153 27.62 -6.94 -0.50
N LYS A 154 27.50 -7.56 0.67
CA LYS A 154 27.50 -6.81 1.96
C LYS A 154 28.83 -6.05 2.15
N ALA A 155 29.93 -6.67 1.72
CA ALA A 155 31.32 -6.25 2.02
C ALA A 155 31.89 -5.41 0.87
N SER A 156 31.19 -5.36 -0.27
CA SER A 156 31.58 -4.56 -1.46
C SER A 156 31.67 -3.09 -1.07
N SER A 157 32.64 -2.35 -1.62
CA SER A 157 32.73 -0.87 -1.47
C SER A 157 31.87 -0.18 -2.54
N PHE A 158 31.17 -0.92 -3.40
CA PHE A 158 30.35 -0.33 -4.46
C PHE A 158 29.29 0.60 -3.83
N ARG A 159 29.13 1.78 -4.43
CA ARG A 159 28.12 2.81 -4.10
C ARG A 159 27.37 3.16 -5.40
N ASP A 160 26.09 3.47 -5.27
CA ASP A 160 25.20 3.77 -6.41
C ASP A 160 25.61 5.10 -7.04
N PRO A 161 25.83 5.19 -8.36
CA PRO A 161 26.18 6.47 -8.98
C PRO A 161 25.22 7.63 -8.61
N GLU A 162 23.93 7.38 -8.38
CA GLU A 162 22.89 8.41 -8.02
C GLU A 162 22.96 8.69 -6.50
N THR A 163 22.67 7.70 -5.63
CA THR A 163 22.53 7.86 -4.16
C THR A 163 23.87 8.18 -3.49
N LYS A 164 24.99 7.78 -4.06
CA LYS A 164 26.34 7.89 -3.43
C LYS A 164 26.34 7.15 -2.08
N ALA A 165 25.49 6.14 -1.93
CA ALA A 165 25.35 5.30 -0.71
C ALA A 165 25.49 3.85 -1.14
N PRO A 166 25.83 2.90 -0.24
CA PRO A 166 25.88 1.50 -0.61
C PRO A 166 24.48 0.97 -0.94
N LEU A 167 24.46 -0.27 -1.45
CA LEU A 167 23.24 -1.07 -1.72
C LEU A 167 23.11 -2.19 -0.69
N ALA A 168 21.91 -2.37 -0.16
CA ALA A 168 21.48 -3.58 0.58
C ALA A 168 21.62 -4.74 -0.39
N PRO A 169 22.23 -5.86 0.03
CA PRO A 169 22.38 -7.00 -0.86
C PRO A 169 21.04 -7.52 -1.40
N LEU A 170 20.06 -7.62 -0.52
CA LEU A 170 18.73 -8.19 -0.78
C LEU A 170 17.69 -7.36 -0.01
N CYS A 171 16.63 -6.97 -0.72
CA CYS A 171 15.38 -6.45 -0.13
C CYS A 171 14.25 -7.41 -0.45
N THR A 172 13.43 -7.63 0.56
CA THR A 172 12.17 -8.39 0.47
C THR A 172 11.16 -7.75 1.43
N PRO A 173 9.85 -7.79 1.11
CA PRO A 173 8.86 -7.27 2.04
C PRO A 173 8.62 -8.16 3.28
N GLY A 174 8.53 -7.52 4.43
CA GLY A 174 8.19 -8.20 5.69
C GLY A 174 6.74 -8.00 6.14
N LYS A 175 5.99 -7.05 5.60
CA LYS A 175 4.63 -6.82 6.14
C LYS A 175 3.58 -6.54 5.07
N ASN A 176 2.32 -6.80 5.41
CA ASN A 176 1.09 -6.44 4.66
C ASN A 176 0.83 -7.18 3.33
N SER A 177 1.81 -7.30 2.45
CA SER A 177 1.65 -7.89 1.09
C SER A 177 1.44 -9.40 1.04
N TRP A 178 0.69 -9.86 0.05
CA TRP A 178 0.48 -11.32 -0.21
C TRP A 178 1.83 -11.96 -0.53
N ASP A 179 2.79 -11.16 -0.96
CA ASP A 179 4.14 -11.68 -1.30
C ASP A 179 4.92 -12.13 -0.05
N VAL A 180 4.56 -11.68 1.14
CA VAL A 180 5.26 -12.18 2.35
C VAL A 180 5.18 -13.72 2.25
N LEU A 181 4.03 -14.27 1.86
CA LEU A 181 3.81 -15.73 1.61
C LEU A 181 4.49 -16.18 0.31
N HIS A 182 4.28 -15.47 -0.80
CA HIS A 182 4.77 -15.92 -2.13
C HIS A 182 6.31 -15.87 -2.21
N ASN A 183 6.97 -15.01 -1.45
CA ASN A 183 8.47 -14.92 -1.42
C ASN A 183 9.06 -16.05 -0.57
N ALA A 184 8.32 -16.57 0.42
CA ALA A 184 8.80 -17.67 1.28
C ALA A 184 8.56 -19.02 0.59
N ALA A 185 7.53 -19.13 -0.22
CA ALA A 185 7.09 -20.40 -0.86
C ALA A 185 8.25 -21.13 -1.55
N PRO A 186 9.13 -20.48 -2.34
CA PRO A 186 10.15 -21.24 -3.07
C PRO A 186 11.24 -21.85 -2.17
N TRP A 187 11.56 -21.17 -1.06
CA TRP A 187 12.54 -21.61 -0.05
C TRP A 187 11.95 -22.83 0.66
N ILE A 188 10.71 -22.72 1.12
CA ILE A 188 9.88 -23.87 1.61
C ILE A 188 9.94 -25.04 0.60
N TRP A 189 9.59 -24.81 -0.67
CA TRP A 189 9.54 -25.91 -1.68
C TRP A 189 10.94 -26.45 -1.94
N GLY A 190 11.95 -25.59 -2.00
CA GLY A 190 13.35 -25.94 -2.25
C GLY A 190 13.89 -26.90 -1.22
N ALA A 191 13.39 -26.86 0.01
CA ALA A 191 13.86 -27.76 1.09
C ALA A 191 12.98 -29.00 1.12
N GLY A 192 12.04 -29.14 0.17
CA GLY A 192 11.15 -30.33 0.08
C GLY A 192 9.84 -30.16 0.82
N GLY A 193 9.60 -29.00 1.42
CA GLY A 193 8.37 -28.69 2.16
C GLY A 193 7.28 -28.09 1.26
N GLU A 194 6.22 -27.60 1.89
CA GLU A 194 5.01 -27.03 1.25
C GLU A 194 4.25 -26.20 2.26
N ILE A 195 3.24 -25.48 1.79
CA ILE A 195 2.32 -24.66 2.62
C ILE A 195 1.29 -25.59 3.25
N VAL A 196 0.73 -26.46 2.41
CA VAL A 196 -0.35 -27.41 2.82
C VAL A 196 -0.01 -28.79 2.27
N ARG A 197 -0.56 -29.83 2.87
CA ARG A 197 -0.48 -31.20 2.34
C ARG A 197 -1.79 -31.95 2.58
N GLN A 198 -2.03 -32.96 1.75
CA GLN A 198 -3.29 -33.72 1.73
C GLN A 198 -3.04 -35.05 2.45
N ALA A 199 -3.74 -35.32 3.54
CA ALA A 199 -3.76 -36.62 4.27
C ALA A 199 -5.21 -37.10 4.44
N GLY A 200 -5.57 -38.24 3.85
CA GLY A 200 -6.92 -38.84 3.93
C GLY A 200 -7.98 -37.97 3.27
N GLY A 201 -7.61 -37.23 2.22
CA GLY A 201 -8.51 -36.36 1.43
C GLY A 201 -8.73 -34.99 2.06
N ARG A 202 -8.18 -34.74 3.26
CA ARG A 202 -8.25 -33.46 4.01
C ARG A 202 -6.88 -32.73 3.84
N TRP A 203 -6.96 -31.49 3.42
CA TRP A 203 -5.77 -30.61 3.38
C TRP A 203 -5.45 -30.14 4.78
N GLN A 204 -4.18 -29.90 5.08
CA GLN A 204 -3.79 -29.29 6.37
C GLN A 204 -2.50 -28.50 6.18
N SER A 205 -2.21 -27.61 7.12
CA SER A 205 -0.96 -26.80 7.12
C SER A 205 0.25 -27.73 7.16
N ALA A 206 1.24 -27.48 6.31
CA ALA A 206 2.54 -28.16 6.45
C ALA A 206 3.63 -27.11 6.69
N LEU A 207 3.24 -25.95 7.22
CA LEU A 207 4.16 -24.80 7.43
C LEU A 207 5.11 -25.13 8.57
N ASN A 208 4.71 -26.04 9.43
CA ASN A 208 5.49 -26.46 10.61
C ASN A 208 6.13 -27.84 10.36
N SER A 209 6.19 -28.27 9.10
CA SER A 209 6.86 -29.54 8.75
C SER A 209 8.37 -29.27 8.82
N PRO A 210 9.19 -30.33 8.99
CA PRO A 210 10.64 -30.13 9.13
C PRO A 210 11.22 -29.39 7.92
N GLU A 211 10.85 -29.85 6.73
CA GLU A 211 11.32 -29.34 5.43
C GLU A 211 10.88 -27.86 5.28
N SER A 212 9.61 -27.54 5.48
CA SER A 212 9.10 -26.14 5.47
C SER A 212 9.89 -25.26 6.47
N LEU A 213 10.16 -25.76 7.70
CA LEU A 213 10.87 -24.94 8.70
C LEU A 213 12.33 -24.71 8.29
N GLU A 214 12.97 -25.68 7.63
CA GLU A 214 14.36 -25.60 7.12
C GLU A 214 14.44 -24.51 6.04
N GLY A 215 13.53 -24.47 5.07
CA GLY A 215 13.50 -23.45 4.01
C GLY A 215 13.17 -22.06 4.53
N LEU A 216 12.17 -21.95 5.41
CA LEU A 216 11.75 -20.66 6.02
C LEU A 216 12.93 -20.13 6.84
N TYR A 217 13.54 -21.00 7.66
CA TYR A 217 14.67 -20.60 8.51
C TYR A 217 15.85 -20.14 7.64
N PHE A 218 16.15 -20.87 6.56
CA PHE A 218 17.24 -20.45 5.69
C PHE A 218 16.92 -19.03 5.19
N PHE A 219 15.71 -18.81 4.66
CA PHE A 219 15.28 -17.49 4.11
C PHE A 219 15.44 -16.41 5.22
N LEU A 220 14.82 -16.59 6.37
CA LEU A 220 14.83 -15.57 7.46
C LEU A 220 16.26 -15.29 7.94
N SER A 221 17.11 -16.31 8.01
CA SER A 221 18.48 -16.20 8.54
C SER A 221 19.32 -15.34 7.58
N LEU A 222 18.86 -15.14 6.34
CA LEU A 222 19.53 -14.18 5.42
C LEU A 222 19.44 -12.78 6.03
N ALA A 223 18.29 -12.42 6.60
CA ALA A 223 18.12 -11.15 7.35
C ALA A 223 19.00 -11.17 8.62
N GLN A 224 19.05 -12.28 9.35
CA GLN A 224 19.84 -12.44 10.61
C GLN A 224 21.28 -12.02 10.35
N LYS A 225 21.84 -12.37 9.18
CA LYS A 225 23.26 -12.14 8.85
C LYS A 225 23.49 -10.73 8.29
N GLY A 226 22.44 -9.93 8.11
CA GLY A 226 22.55 -8.51 7.72
C GLY A 226 22.47 -8.34 6.21
N TYR A 227 22.00 -9.35 5.47
CA TYR A 227 21.89 -9.30 3.99
C TYR A 227 20.60 -8.57 3.62
N VAL A 228 19.59 -8.63 4.51
CA VAL A 228 18.34 -7.83 4.43
C VAL A 228 18.41 -6.82 5.55
N PRO A 229 18.28 -5.52 5.25
CA PRO A 229 18.34 -4.51 6.31
C PRO A 229 17.04 -4.58 7.12
N ALA A 230 17.15 -4.27 8.41
CA ALA A 230 16.06 -4.20 9.40
C ALA A 230 14.85 -3.44 8.83
N GLU A 231 15.11 -2.28 8.19
CA GLU A 231 14.04 -1.38 7.66
C GLU A 231 13.17 -2.15 6.65
N SER A 232 13.71 -3.10 5.90
CA SER A 232 12.99 -3.80 4.81
C SER A 232 11.88 -4.68 5.39
N LEU A 233 12.09 -5.17 6.61
CA LEU A 233 11.22 -6.12 7.30
C LEU A 233 9.90 -5.46 7.76
N GLU A 234 9.80 -4.11 7.73
CA GLU A 234 8.56 -3.38 8.12
C GLU A 234 7.82 -2.96 6.84
N LYS A 235 8.44 -3.17 5.65
CA LYS A 235 7.97 -2.64 4.34
C LYS A 235 7.11 -3.67 3.58
N ASN A 236 6.31 -3.18 2.65
CA ASN A 236 5.40 -3.97 1.78
C ASN A 236 6.00 -4.02 0.37
N THR A 237 5.40 -4.79 -0.51
CA THR A 237 5.98 -5.08 -1.85
C THR A 237 6.28 -3.77 -2.59
N ALA A 238 5.31 -2.86 -2.62
CA ALA A 238 5.39 -1.65 -3.46
C ALA A 238 6.62 -0.85 -3.01
N GLN A 239 6.85 -0.76 -1.72
CA GLN A 239 7.97 0.01 -1.12
C GLN A 239 9.30 -0.66 -1.49
N ILE A 240 9.36 -2.00 -1.51
CA ILE A 240 10.61 -2.72 -1.88
C ILE A 240 10.86 -2.50 -3.37
N GLU A 241 9.85 -2.61 -4.20
CA GLU A 241 9.91 -2.27 -5.65
C GLU A 241 10.51 -0.88 -5.78
N ALA A 242 9.97 0.09 -5.05
CA ALA A 242 10.40 1.51 -5.13
C ALA A 242 11.85 1.60 -4.70
N ASP A 243 12.25 0.87 -3.66
CA ASP A 243 13.67 0.93 -3.20
C ASP A 243 14.59 0.30 -4.25
N PHE A 244 14.21 -0.79 -4.90
CA PHE A 244 15.04 -1.34 -6.01
C PHE A 244 15.16 -0.27 -7.10
N GLN A 245 14.05 0.34 -7.51
CA GLN A 245 13.99 1.37 -8.59
C GLN A 245 14.91 2.54 -8.24
N ALA A 246 14.95 2.90 -6.96
CA ALA A 246 15.75 4.03 -6.42
C ALA A 246 17.23 3.67 -6.32
N GLY A 247 17.63 2.41 -6.56
CA GLY A 247 19.02 1.96 -6.45
C GLY A 247 19.49 1.78 -5.01
N LYS A 248 18.64 1.31 -4.11
CA LYS A 248 19.01 1.06 -2.68
C LYS A 248 19.31 -0.43 -2.45
N CYS A 249 18.96 -1.30 -3.39
CA CYS A 249 18.98 -2.78 -3.30
C CYS A 249 19.68 -3.35 -4.55
N ALA A 250 20.58 -4.30 -4.33
CA ALA A 250 21.33 -5.03 -5.38
C ALA A 250 20.49 -6.15 -5.98
N VAL A 251 19.60 -6.78 -5.21
CA VAL A 251 18.82 -8.00 -5.60
C VAL A 251 17.41 -7.92 -5.00
N PHE A 252 16.38 -8.35 -5.74
CA PHE A 252 15.03 -8.53 -5.18
C PHE A 252 14.19 -9.39 -6.10
N ALA A 253 13.27 -10.13 -5.50
CA ALA A 253 12.42 -11.11 -6.20
C ALA A 253 11.18 -10.36 -6.63
N SER A 254 10.78 -10.59 -7.87
CA SER A 254 9.62 -9.93 -8.48
C SER A 254 9.18 -10.68 -9.73
N GLY A 255 8.11 -10.14 -10.32
CA GLY A 255 7.48 -10.70 -11.53
C GLY A 255 8.01 -10.00 -12.76
N PRO A 256 7.56 -10.46 -13.95
CA PRO A 256 8.13 -10.01 -15.24
C PRO A 256 7.78 -8.54 -15.58
N TRP A 257 6.80 -7.97 -14.90
CA TRP A 257 6.32 -6.59 -15.09
C TRP A 257 7.45 -5.56 -14.92
N MET A 258 8.44 -5.80 -14.08
CA MET A 258 9.52 -4.79 -13.86
C MET A 258 10.28 -4.53 -15.17
N ILE A 259 10.37 -5.55 -16.04
CA ILE A 259 11.08 -5.41 -17.35
C ILE A 259 10.41 -4.28 -18.13
N GLN A 260 9.08 -4.34 -18.21
CA GLN A 260 8.25 -3.29 -18.87
C GLN A 260 8.51 -1.94 -18.19
N ARG A 261 8.51 -1.86 -16.85
CA ARG A 261 8.62 -0.53 -16.17
C ARG A 261 10.00 0.08 -16.46
N ALA A 262 11.00 -0.76 -16.69
CA ALA A 262 12.40 -0.35 -16.90
C ALA A 262 12.53 0.42 -18.21
N GLN A 263 11.59 0.21 -19.14
CA GLN A 263 11.57 0.83 -20.50
C GLN A 263 10.71 2.11 -20.55
N VAL A 264 10.08 2.54 -19.46
CA VAL A 264 8.99 3.58 -19.53
C VAL A 264 9.37 4.69 -18.54
N PRO A 265 9.25 5.98 -18.91
CA PRO A 265 9.73 7.06 -18.04
C PRO A 265 8.94 7.12 -16.72
N GLU A 266 9.50 7.73 -15.68
CA GLU A 266 8.85 8.00 -14.37
C GLU A 266 7.45 8.58 -14.59
N ALA A 267 7.28 9.54 -15.50
CA ALA A 267 6.02 10.29 -15.66
C ALA A 267 4.90 9.35 -16.11
N LYS A 268 5.22 8.20 -16.71
CA LYS A 268 4.21 7.20 -17.11
C LYS A 268 4.25 5.95 -16.25
N GLY A 269 4.85 6.00 -15.04
CA GLY A 269 4.74 4.89 -14.06
C GLY A 269 5.89 3.89 -14.12
N GLY A 270 7.01 4.23 -14.75
CA GLY A 270 8.22 3.39 -14.89
C GLY A 270 9.43 4.01 -14.22
N PHE A 271 10.60 3.46 -14.49
CA PHE A 271 11.87 3.95 -13.88
C PHE A 271 13.01 4.01 -14.91
N ALA A 272 12.73 4.38 -16.16
CA ALA A 272 13.73 4.36 -17.27
C ALA A 272 14.85 5.34 -16.98
N GLU A 273 14.56 6.49 -16.32
CA GLU A 273 15.52 7.53 -15.81
C GLU A 273 16.59 6.98 -14.84
N ARG A 274 16.33 5.86 -14.16
CA ARG A 274 17.11 5.38 -13.00
C ARG A 274 18.29 4.47 -13.41
N THR A 275 19.37 4.56 -12.66
CA THR A 275 20.58 3.71 -12.78
C THR A 275 20.17 2.23 -12.81
N ALA A 276 19.17 1.82 -12.06
CA ALA A 276 18.75 0.40 -11.97
C ALA A 276 18.22 -0.07 -13.33
N ALA A 277 17.48 0.79 -14.02
CA ALA A 277 16.91 0.53 -15.37
C ALA A 277 18.03 0.31 -16.40
N LYS A 278 19.23 0.80 -16.17
CA LYS A 278 20.34 0.74 -17.16
C LYS A 278 21.30 -0.40 -16.78
N ASN A 279 21.12 -0.98 -15.59
CA ASN A 279 22.05 -1.97 -14.95
C ASN A 279 21.21 -3.13 -14.45
N LEU A 280 20.27 -3.58 -15.28
CA LEU A 280 19.22 -4.56 -14.92
C LEU A 280 19.64 -5.92 -15.45
N GLY A 281 19.68 -6.91 -14.55
CA GLY A 281 19.80 -8.32 -14.87
C GLY A 281 18.69 -9.13 -14.22
N VAL A 282 18.46 -10.33 -14.75
CA VAL A 282 17.47 -11.27 -14.16
C VAL A 282 18.08 -12.66 -14.07
N ALA A 283 17.78 -13.38 -12.99
CA ALA A 283 18.26 -14.74 -12.74
C ALA A 283 17.17 -15.56 -12.04
N PRO A 284 17.14 -16.89 -12.28
CA PRO A 284 16.12 -17.74 -11.66
C PRO A 284 16.38 -17.83 -10.16
N TYR A 285 15.38 -18.25 -9.39
CA TYR A 285 15.58 -18.77 -8.00
C TYR A 285 16.69 -19.83 -8.02
N PRO A 286 17.56 -19.90 -6.98
CA PRO A 286 18.58 -20.96 -6.90
C PRO A 286 17.92 -22.27 -6.50
N ALA A 287 18.50 -23.41 -6.95
CA ALA A 287 18.11 -24.77 -6.53
C ALA A 287 18.34 -24.91 -5.02
N GLY A 288 17.32 -25.42 -4.30
CA GLY A 288 17.46 -25.90 -2.92
C GLY A 288 17.96 -27.35 -2.86
N PRO A 289 18.13 -27.91 -1.64
CA PRO A 289 18.46 -29.33 -1.49
C PRO A 289 17.57 -30.23 -2.36
N LYS A 290 16.27 -29.89 -2.53
CA LYS A 290 15.31 -30.71 -3.35
C LYS A 290 15.07 -30.05 -4.71
N GLY A 291 16.02 -29.22 -5.15
CA GLY A 291 15.99 -28.67 -6.51
C GLY A 291 15.30 -27.32 -6.57
N ARG A 292 14.88 -27.00 -7.79
CA ARG A 292 14.54 -25.67 -8.30
C ARG A 292 13.01 -25.49 -8.29
N TYR A 293 12.54 -24.44 -7.65
CA TYR A 293 11.11 -24.06 -7.62
C TYR A 293 11.01 -22.52 -7.62
N THR A 294 9.92 -22.00 -8.20
CA THR A 294 9.49 -20.60 -8.00
C THR A 294 7.97 -20.55 -7.98
N PHE A 295 7.44 -19.46 -7.45
CA PHE A 295 5.99 -19.21 -7.34
C PHE A 295 5.47 -18.90 -8.73
N PHE A 296 4.45 -19.65 -9.15
CA PHE A 296 3.68 -19.41 -10.39
C PHE A 296 2.28 -19.02 -9.96
N GLY A 297 1.86 -17.83 -10.37
CA GLY A 297 0.54 -17.26 -10.12
C GLY A 297 0.08 -16.43 -11.30
N GLY A 298 -0.50 -15.29 -11.01
CA GLY A 298 -1.23 -14.48 -11.98
C GLY A 298 -2.66 -14.20 -11.53
N SER A 299 -3.48 -13.75 -12.47
CA SER A 299 -4.85 -13.31 -12.21
C SER A 299 -5.75 -13.92 -13.29
N ASN A 300 -6.93 -14.32 -12.84
CA ASN A 300 -8.03 -14.76 -13.71
C ASN A 300 -9.11 -13.67 -13.66
N LEU A 301 -10.15 -13.85 -14.47
CA LEU A 301 -11.39 -13.02 -14.47
C LEU A 301 -12.58 -13.91 -14.11
N ALA A 302 -13.42 -13.41 -13.20
CA ALA A 302 -14.65 -14.07 -12.77
C ALA A 302 -15.84 -13.18 -13.11
N LEU A 303 -16.99 -13.80 -13.36
CA LEU A 303 -18.31 -13.16 -13.48
C LEU A 303 -19.14 -13.44 -12.22
N PHE A 304 -19.53 -12.41 -11.44
CA PHE A 304 -20.45 -12.58 -10.29
C PHE A 304 -21.80 -13.08 -10.80
N ASN A 305 -22.35 -14.10 -10.13
CA ASN A 305 -23.61 -14.73 -10.60
C ASN A 305 -24.82 -13.80 -10.34
N PHE A 306 -24.68 -12.71 -9.59
CA PHE A 306 -25.72 -11.67 -9.41
C PHE A 306 -25.60 -10.59 -10.50
N SER A 307 -24.66 -10.72 -11.45
CA SER A 307 -24.61 -9.81 -12.64
C SER A 307 -25.91 -9.90 -13.43
N LYS A 308 -26.34 -8.75 -13.97
CA LYS A 308 -27.56 -8.67 -14.85
C LYS A 308 -27.19 -8.69 -16.34
N ASN A 309 -25.89 -8.71 -16.69
CA ASN A 309 -25.40 -8.54 -18.09
C ASN A 309 -24.55 -9.75 -18.52
N LYS A 310 -25.01 -10.97 -18.22
CA LYS A 310 -24.13 -12.17 -18.22
C LYS A 310 -23.72 -12.56 -19.65
N PRO A 311 -24.64 -12.69 -20.61
CA PRO A 311 -24.23 -12.96 -22.01
C PRO A 311 -23.19 -11.97 -22.54
N LEU A 312 -23.38 -10.67 -22.30
CA LEU A 312 -22.43 -9.64 -22.76
C LEU A 312 -21.10 -9.80 -22.01
N ALA A 313 -21.14 -9.98 -20.68
CA ALA A 313 -19.94 -10.17 -19.83
C ALA A 313 -19.16 -11.42 -20.27
N LYS A 314 -19.85 -12.47 -20.67
CA LYS A 314 -19.21 -13.70 -21.19
C LYS A 314 -18.54 -13.41 -22.54
N GLU A 315 -19.11 -12.49 -23.34
CA GLU A 315 -18.45 -12.03 -24.59
C GLU A 315 -17.16 -11.28 -24.21
N LEU A 316 -17.19 -10.44 -23.18
CA LEU A 316 -15.98 -9.69 -22.74
C LEU A 316 -14.92 -10.70 -22.26
N LEU A 317 -15.34 -11.77 -21.58
CA LEU A 317 -14.42 -12.82 -21.07
C LEU A 317 -13.74 -13.53 -22.27
N LYS A 318 -14.52 -13.96 -23.26
CA LYS A 318 -14.00 -14.60 -24.48
C LYS A 318 -13.00 -13.64 -25.13
N TYR A 319 -13.34 -12.36 -25.25
CA TYR A 319 -12.43 -11.35 -25.86
C TYR A 319 -11.13 -11.20 -25.01
N LEU A 320 -11.24 -11.00 -23.71
CA LEU A 320 -10.07 -10.77 -22.84
C LEU A 320 -9.23 -12.04 -22.71
N GLY A 321 -9.88 -13.20 -22.83
CA GLY A 321 -9.22 -14.51 -22.74
C GLY A 321 -8.55 -14.90 -24.06
N GLY A 322 -8.83 -14.19 -25.16
CA GLY A 322 -8.50 -14.66 -26.51
C GLY A 322 -7.19 -14.08 -26.98
N PRO A 323 -6.63 -14.62 -28.07
CA PRO A 323 -5.27 -14.27 -28.52
C PRO A 323 -4.96 -12.78 -28.62
N GLU A 324 -5.74 -11.97 -29.33
CA GLU A 324 -5.43 -10.53 -29.59
C GLU A 324 -5.31 -9.82 -28.23
N ALA A 325 -6.31 -9.92 -27.35
CA ALA A 325 -6.30 -9.22 -26.04
C ALA A 325 -5.26 -9.84 -25.09
N GLN A 326 -5.00 -11.14 -25.20
CA GLN A 326 -3.97 -11.85 -24.36
C GLN A 326 -2.60 -11.25 -24.66
N VAL A 327 -2.26 -11.10 -25.94
CA VAL A 327 -0.97 -10.50 -26.37
C VAL A 327 -0.96 -9.04 -25.89
N ARG A 328 -1.99 -8.27 -26.22
CA ARG A 328 -1.98 -6.80 -25.96
C ARG A 328 -1.80 -6.51 -24.46
N TYR A 329 -2.50 -7.19 -23.56
CA TYR A 329 -2.48 -6.85 -22.11
C TYR A 329 -1.14 -7.25 -21.51
N ALA A 330 -0.56 -8.35 -21.98
CA ALA A 330 0.77 -8.81 -21.51
C ALA A 330 1.83 -7.80 -21.92
N GLN A 331 1.75 -7.23 -23.13
CA GLN A 331 2.62 -6.12 -23.63
C GLN A 331 2.43 -4.89 -22.73
N MET A 332 1.20 -4.55 -22.37
CA MET A 332 0.94 -3.31 -21.58
C MET A 332 1.44 -3.49 -20.14
N THR A 333 1.27 -4.69 -19.55
CA THR A 333 1.53 -4.98 -18.10
C THR A 333 2.95 -5.50 -17.88
N GLY A 334 3.54 -6.12 -18.91
CA GLY A 334 4.81 -6.86 -18.83
C GLY A 334 4.57 -8.20 -18.17
N MET A 335 3.33 -8.69 -18.16
CA MET A 335 2.98 -10.03 -17.65
C MET A 335 3.19 -11.02 -18.79
N LEU A 336 2.99 -12.30 -18.50
CA LEU A 336 2.94 -13.34 -19.53
C LEU A 336 1.47 -13.61 -19.80
N PRO A 337 1.13 -13.94 -21.05
CA PRO A 337 -0.22 -14.36 -21.39
C PRO A 337 -0.59 -15.60 -20.59
N ALA A 338 -1.87 -15.73 -20.22
CA ALA A 338 -2.38 -16.99 -19.63
C ALA A 338 -2.61 -18.01 -20.76
N LEU A 339 -2.93 -17.54 -21.95
CA LEU A 339 -3.15 -18.42 -23.12
C LEU A 339 -1.78 -18.90 -23.62
N ARG A 340 -1.49 -20.20 -23.53
CA ARG A 340 -0.13 -20.71 -23.80
C ARG A 340 0.31 -20.33 -25.24
N SER A 341 -0.55 -20.54 -26.26
CA SER A 341 -0.27 -20.20 -27.70
C SER A 341 0.32 -18.78 -27.83
N ALA A 342 -0.07 -17.84 -26.98
CA ALA A 342 0.35 -16.42 -27.07
C ALA A 342 1.82 -16.21 -26.69
N TRP A 343 2.51 -17.19 -26.09
CA TRP A 343 3.93 -17.04 -25.68
C TRP A 343 4.84 -16.85 -26.89
N SER A 344 4.43 -17.31 -28.08
CA SER A 344 5.23 -17.27 -29.33
C SER A 344 5.24 -15.89 -30.00
N ASP A 345 4.47 -14.91 -29.49
CA ASP A 345 4.50 -13.52 -30.01
C ASP A 345 5.92 -12.99 -29.78
N PRO A 346 6.52 -12.27 -30.77
CA PRO A 346 7.85 -11.67 -30.64
C PRO A 346 8.13 -10.81 -29.40
N SER A 347 7.15 -10.04 -28.93
CA SER A 347 7.34 -9.20 -27.71
C SER A 347 7.67 -10.10 -26.50
N PHE A 348 7.42 -11.41 -26.52
CA PHE A 348 7.80 -12.29 -25.36
C PHE A 348 9.05 -13.09 -25.71
N GLN A 349 9.14 -13.61 -26.92
CA GLN A 349 10.26 -14.44 -27.42
C GLN A 349 11.54 -13.62 -27.60
N GLN A 350 11.42 -12.41 -28.13
CA GLN A 350 12.57 -11.53 -28.47
C GLN A 350 12.88 -10.59 -27.30
N ASN A 351 12.41 -10.92 -26.09
CA ASN A 351 12.60 -10.15 -24.85
C ASN A 351 13.60 -10.88 -23.95
N PRO A 352 14.87 -10.42 -23.89
CA PRO A 352 15.93 -11.24 -23.27
C PRO A 352 15.71 -11.51 -21.77
N LEU A 353 15.32 -10.50 -20.99
CA LEU A 353 15.11 -10.66 -19.52
C LEU A 353 13.89 -11.53 -19.26
N LEU A 354 12.89 -11.44 -20.13
CA LEU A 354 11.66 -12.25 -20.00
C LEU A 354 11.98 -13.74 -20.19
N ARG A 355 12.97 -14.03 -21.03
CA ARG A 355 13.43 -15.40 -21.38
C ARG A 355 13.62 -16.18 -20.09
N THR A 356 14.27 -15.57 -19.10
CA THR A 356 14.46 -16.15 -17.75
C THR A 356 13.11 -16.57 -17.15
N PHE A 357 12.09 -15.69 -17.23
CA PHE A 357 10.75 -15.95 -16.67
C PHE A 357 10.11 -17.11 -17.43
N ILE A 358 10.25 -17.13 -18.76
CA ILE A 358 9.66 -18.18 -19.63
C ILE A 358 10.28 -19.52 -19.21
N GLN A 359 11.61 -19.61 -19.13
CA GLN A 359 12.38 -20.83 -18.78
C GLN A 359 11.99 -21.30 -17.37
N ALA A 360 11.73 -20.33 -16.48
CA ALA A 360 11.38 -20.57 -15.07
C ALA A 360 9.99 -21.23 -14.94
N ALA A 361 9.11 -21.17 -15.95
CA ALA A 361 7.83 -21.91 -15.94
C ALA A 361 8.06 -23.41 -15.67
N GLN A 362 9.17 -24.00 -16.10
CA GLN A 362 9.42 -25.46 -15.84
C GLN A 362 9.33 -25.72 -14.33
N PHE A 363 9.81 -24.80 -13.51
CA PHE A 363 10.07 -24.99 -12.06
C PHE A 363 8.99 -24.24 -11.27
N GLY A 364 8.01 -23.67 -11.98
CA GLY A 364 6.92 -22.91 -11.38
C GLY A 364 5.97 -23.79 -10.56
N ARG A 365 5.50 -23.32 -9.44
CA ARG A 365 4.60 -24.14 -8.62
C ARG A 365 3.47 -23.28 -8.07
N THR A 366 2.32 -23.92 -7.93
CA THR A 366 1.02 -23.32 -7.62
C THR A 366 0.60 -23.88 -6.24
N TYR A 367 -0.23 -23.14 -5.50
CA TYR A 367 -0.99 -23.64 -4.32
C TYR A 367 -2.20 -24.39 -4.82
N PRO A 368 -2.67 -25.43 -4.11
CA PRO A 368 -3.88 -26.11 -4.54
C PRO A 368 -4.98 -25.04 -4.48
N SER A 369 -6.05 -25.21 -5.25
CA SER A 369 -7.07 -24.14 -5.38
C SER A 369 -8.18 -24.44 -4.38
N LEU A 370 -7.94 -24.18 -3.10
CA LEU A 370 -8.79 -24.67 -1.97
C LEU A 370 -9.79 -23.60 -1.50
N ALA A 371 -10.91 -24.06 -0.94
CA ALA A 371 -12.01 -23.27 -0.36
C ALA A 371 -11.47 -22.29 0.68
N GLY A 372 -10.65 -22.70 1.61
CA GLY A 372 -10.30 -21.69 2.64
C GLY A 372 -9.10 -20.82 2.25
N TRP A 373 -8.63 -20.86 1.01
CA TRP A 373 -7.28 -20.34 0.68
C TRP A 373 -7.13 -18.84 0.99
N GLY A 374 -8.20 -18.06 0.91
CA GLY A 374 -8.08 -16.62 1.26
C GLY A 374 -7.74 -16.44 2.72
N GLY A 375 -8.39 -17.17 3.61
CA GLY A 375 -8.06 -17.10 5.04
C GLY A 375 -6.65 -17.63 5.32
N VAL A 376 -6.18 -18.62 4.56
CA VAL A 376 -4.79 -19.16 4.67
C VAL A 376 -3.79 -18.04 4.35
N GLU A 377 -4.05 -17.25 3.31
CA GLU A 377 -3.09 -16.20 2.92
C GLU A 377 -3.08 -15.12 4.02
N ASN A 378 -4.23 -14.67 4.51
CA ASN A 378 -4.28 -13.69 5.63
C ASN A 378 -3.48 -14.21 6.85
N LEU A 379 -3.68 -15.46 7.26
CA LEU A 379 -3.00 -16.01 8.46
C LEU A 379 -1.50 -16.22 8.18
N ALA A 380 -1.13 -16.68 6.98
CA ALA A 380 0.30 -16.91 6.60
C ALA A 380 1.04 -15.58 6.58
N VAL A 381 0.41 -14.54 6.05
CA VAL A 381 1.02 -13.19 5.95
C VAL A 381 1.17 -12.62 7.37
N GLN A 382 0.13 -12.69 8.20
CA GLN A 382 0.21 -12.18 9.60
C GLN A 382 1.33 -12.96 10.32
N HIS A 383 1.31 -14.30 10.28
CA HIS A 383 2.28 -15.13 11.06
C HIS A 383 3.69 -15.07 10.44
N LEU A 384 3.85 -15.07 9.11
CA LEU A 384 5.20 -14.84 8.51
C LEU A 384 5.68 -13.42 8.83
N GLY A 385 4.78 -12.42 8.86
CA GLY A 385 5.15 -11.05 9.29
C GLY A 385 5.83 -11.12 10.65
N MET A 386 5.20 -11.82 11.59
CA MET A 386 5.66 -11.96 12.99
C MET A 386 6.98 -12.75 13.00
N ALA A 387 7.29 -13.54 11.98
CA ALA A 387 8.54 -14.33 11.90
C ALA A 387 9.68 -13.40 11.51
N TRP A 388 9.45 -12.47 10.58
CA TRP A 388 10.43 -11.41 10.24
C TRP A 388 10.71 -10.54 11.50
N ASP A 389 9.69 -10.25 12.29
CA ASP A 389 9.81 -9.54 13.60
C ASP A 389 10.80 -10.25 14.51
N LEU A 390 10.80 -11.59 14.57
CA LEU A 390 11.81 -12.34 15.38
C LEU A 390 13.23 -11.89 14.99
N VAL A 391 13.48 -11.66 13.70
CA VAL A 391 14.85 -11.24 13.23
C VAL A 391 15.09 -9.79 13.67
N ALA A 392 14.13 -8.89 13.46
CA ALA A 392 14.25 -7.47 13.85
C ALA A 392 14.50 -7.38 15.37
N GLN A 393 13.94 -8.28 16.17
CA GLN A 393 14.11 -8.33 17.65
C GLN A 393 15.37 -9.13 18.03
N GLY A 394 16.11 -9.69 17.07
CA GLY A 394 17.20 -10.64 17.37
C GLY A 394 16.75 -11.85 18.16
N ARG A 395 15.51 -12.32 17.95
CA ARG A 395 14.90 -13.48 18.66
C ARG A 395 14.78 -14.71 17.74
N LEU A 396 15.47 -14.75 16.59
CA LEU A 396 15.31 -15.88 15.63
C LEU A 396 15.99 -17.16 16.14
N THR A 397 15.24 -18.16 16.59
CA THR A 397 15.77 -19.52 16.83
C THR A 397 14.87 -20.48 16.08
N ARG A 398 15.42 -21.66 15.79
CA ARG A 398 14.69 -22.75 15.13
C ARG A 398 13.43 -23.04 15.94
N GLU A 399 13.51 -23.02 17.27
CA GLU A 399 12.39 -23.46 18.16
C GLU A 399 11.36 -22.30 18.23
N ALA A 400 11.78 -21.04 18.19
CA ALA A 400 10.87 -19.87 18.17
C ALA A 400 10.12 -19.79 16.81
N LEU A 401 10.78 -20.17 15.70
CA LEU A 401 10.10 -20.27 14.38
C LEU A 401 9.04 -21.38 14.42
N LYS A 402 9.43 -22.57 14.87
CA LYS A 402 8.57 -23.77 14.98
C LYS A 402 7.35 -23.37 15.81
N ASP A 403 7.54 -22.83 17.01
CA ASP A 403 6.42 -22.38 17.87
C ASP A 403 5.49 -21.48 17.03
N LEU A 404 6.03 -20.46 16.39
CA LEU A 404 5.25 -19.48 15.59
C LEU A 404 4.45 -20.19 14.49
N MET A 405 5.07 -21.14 13.77
CA MET A 405 4.42 -21.84 12.65
C MET A 405 3.41 -22.86 13.19
N ASP A 406 3.62 -23.37 14.40
CA ASP A 406 2.64 -24.24 15.09
C ASP A 406 1.34 -23.48 15.26
N LYS A 407 1.43 -22.24 15.74
CA LYS A 407 0.22 -21.39 15.93
C LYS A 407 -0.43 -21.15 14.57
N ALA A 408 0.38 -20.83 13.56
CA ALA A 408 -0.13 -20.48 12.22
C ALA A 408 -0.90 -21.72 11.71
N SER A 409 -0.34 -22.92 11.89
CA SER A 409 -0.84 -24.19 11.32
C SER A 409 -2.21 -24.55 11.93
N ALA A 410 -2.31 -24.44 13.28
CA ALA A 410 -3.56 -24.61 14.01
C ALA A 410 -4.64 -23.67 13.44
N ALA A 411 -4.31 -22.39 13.24
CA ALA A 411 -5.28 -21.39 12.68
C ALA A 411 -5.61 -21.79 11.23
N ILE A 412 -4.60 -22.15 10.43
CA ILE A 412 -4.83 -22.46 8.98
C ILE A 412 -5.69 -23.72 8.85
N ASN A 413 -5.59 -24.64 9.80
CA ASN A 413 -6.38 -25.89 9.81
C ASN A 413 -7.86 -25.56 10.06
N GLN A 414 -8.16 -24.58 10.91
CA GLN A 414 -9.58 -24.16 11.11
C GLN A 414 -10.06 -23.50 9.81
N ALA A 415 -9.28 -22.58 9.22
CA ALA A 415 -9.66 -21.83 7.99
C ALA A 415 -9.94 -22.81 6.84
N LEU A 416 -9.19 -23.90 6.74
CA LEU A 416 -9.37 -24.87 5.62
C LEU A 416 -10.69 -25.64 5.80
N ARG A 417 -11.47 -25.36 6.85
CA ARG A 417 -12.86 -25.91 6.94
C ARG A 417 -13.81 -24.85 7.49
N LYS B 3 4.49 24.32 -23.66
CA LYS B 3 3.47 23.44 -24.22
C LYS B 3 3.04 22.40 -23.18
N THR B 4 3.95 21.88 -22.34
CA THR B 4 3.63 20.80 -21.35
C THR B 4 4.29 21.03 -20.01
N LEU B 5 3.57 20.62 -18.96
CA LEU B 5 3.96 20.62 -17.54
C LEU B 5 3.71 19.21 -17.00
N GLU B 6 4.56 18.76 -16.08
CA GLU B 6 4.46 17.44 -15.42
C GLU B 6 4.25 17.68 -13.92
N VAL B 7 3.19 17.09 -13.38
CA VAL B 7 2.87 17.11 -11.93
C VAL B 7 2.77 15.68 -11.41
N TRP B 8 3.52 15.36 -10.34
CA TRP B 8 3.32 14.18 -9.45
C TRP B 8 2.29 14.51 -8.35
N ILE B 9 1.26 13.68 -8.22
CA ILE B 9 0.30 13.78 -7.09
C ILE B 9 0.24 12.43 -6.38
N MET B 10 -0.25 12.48 -5.15
CA MET B 10 -0.68 11.27 -4.40
C MET B 10 -2.16 11.00 -4.68
N PRO B 11 -2.76 9.88 -4.22
CA PRO B 11 -4.17 9.57 -4.51
C PRO B 11 -5.19 10.37 -3.65
N ASN B 12 -5.49 11.60 -4.05
CA ASN B 12 -6.18 12.57 -3.18
C ASN B 12 -7.68 12.38 -3.26
N SER B 13 -8.12 11.70 -4.31
CA SER B 13 -9.56 11.60 -4.70
C SER B 13 -9.81 10.19 -5.19
N PRO B 14 -11.08 9.76 -5.37
CA PRO B 14 -11.37 8.38 -5.77
C PRO B 14 -10.78 7.99 -7.14
N GLN B 15 -10.67 8.93 -8.07
CA GLN B 15 -10.00 8.72 -9.39
C GLN B 15 -8.99 9.85 -9.56
N PRO B 16 -7.79 9.67 -8.93
CA PRO B 16 -6.82 10.73 -8.76
C PRO B 16 -6.46 11.49 -10.04
N ALA B 17 -6.08 10.76 -11.08
CA ALA B 17 -5.57 11.33 -12.36
C ALA B 17 -6.71 12.09 -13.01
N GLU B 18 -7.86 11.43 -13.09
CA GLU B 18 -9.03 11.85 -13.89
C GLU B 18 -9.58 13.14 -13.27
N ASP B 19 -9.70 13.14 -11.95
CA ASP B 19 -10.15 14.31 -11.15
C ASP B 19 -9.16 15.47 -11.33
N PHE B 20 -7.86 15.20 -11.27
CA PHE B 20 -6.87 16.31 -11.36
C PHE B 20 -6.92 16.91 -12.78
N LYS B 21 -7.08 16.06 -13.79
CA LYS B 21 -7.24 16.51 -15.18
C LYS B 21 -8.50 17.39 -15.27
N ALA B 22 -9.63 17.03 -14.66
CA ALA B 22 -10.84 17.87 -14.69
C ALA B 22 -10.53 19.21 -13.99
N LEU B 23 -9.79 19.21 -12.87
CA LEU B 23 -9.40 20.44 -12.10
C LEU B 23 -8.58 21.42 -12.96
N VAL B 24 -7.63 20.94 -13.75
CA VAL B 24 -6.70 21.86 -14.46
C VAL B 24 -7.25 22.17 -15.85
N ALA B 25 -8.36 21.55 -16.28
CA ALA B 25 -8.90 21.73 -17.66
C ALA B 25 -9.08 23.21 -18.00
N PRO B 26 -9.66 24.05 -17.10
CA PRO B 26 -9.74 25.49 -17.36
C PRO B 26 -8.38 26.19 -17.56
N PHE B 27 -7.33 25.74 -16.87
CA PHE B 27 -5.96 26.32 -16.99
C PHE B 27 -5.33 25.84 -18.31
N GLU B 28 -5.52 24.58 -18.70
CA GLU B 28 -4.97 24.05 -19.97
C GLU B 28 -5.53 24.88 -21.13
N LYS B 29 -6.84 25.17 -21.08
CA LYS B 29 -7.59 25.81 -22.19
C LYS B 29 -7.19 27.30 -22.27
N ALA B 30 -7.09 27.99 -21.13
CA ALA B 30 -6.67 29.41 -21.03
C ALA B 30 -5.27 29.61 -21.58
N HIS B 31 -4.32 28.71 -21.33
CA HIS B 31 -2.88 28.94 -21.64
C HIS B 31 -2.41 28.09 -22.83
N GLY B 32 -3.24 27.20 -23.37
CA GLY B 32 -2.85 26.33 -24.47
C GLY B 32 -1.70 25.41 -24.09
N VAL B 33 -1.77 24.81 -22.90
CA VAL B 33 -0.73 23.85 -22.42
C VAL B 33 -1.42 22.55 -21.95
N GLU B 34 -0.67 21.44 -21.98
CA GLU B 34 -1.02 20.12 -21.42
C GLU B 34 -0.32 19.94 -20.08
N VAL B 35 -1.10 19.72 -19.03
CA VAL B 35 -0.63 19.24 -17.70
C VAL B 35 -0.74 17.72 -17.66
N LYS B 36 0.39 17.03 -17.78
CA LYS B 36 0.48 15.55 -17.64
C LYS B 36 0.55 15.26 -16.13
N VAL B 37 -0.17 14.27 -15.64
CA VAL B 37 -0.20 13.99 -14.18
C VAL B 37 0.29 12.55 -14.01
N THR B 38 1.12 12.30 -13.00
CA THR B 38 1.50 10.94 -12.52
C THR B 38 1.08 10.81 -11.04
N VAL B 39 0.53 9.66 -10.68
CA VAL B 39 0.02 9.34 -9.33
C VAL B 39 1.02 8.40 -8.61
N LEU B 40 1.59 8.84 -7.48
CA LEU B 40 2.47 8.02 -6.62
C LEU B 40 1.69 7.71 -5.33
N ASP B 41 1.66 6.45 -4.93
CA ASP B 41 1.05 6.03 -3.65
C ASP B 41 1.83 6.71 -2.53
N TRP B 42 1.12 7.04 -1.46
CA TRP B 42 1.72 7.57 -0.22
C TRP B 42 2.88 6.71 0.26
N GLY B 43 2.77 5.37 0.25
CA GLY B 43 3.88 4.49 0.71
C GLY B 43 5.20 4.73 -0.04
N VAL B 44 5.16 5.03 -1.35
CA VAL B 44 6.38 5.11 -2.20
C VAL B 44 6.74 6.57 -2.49
N ALA B 45 5.89 7.52 -2.09
CA ALA B 45 6.02 8.95 -2.47
C ALA B 45 7.35 9.50 -1.94
N TRP B 46 7.69 9.21 -0.68
CA TRP B 46 8.96 9.74 -0.10
C TRP B 46 10.16 9.20 -0.93
N THR B 47 10.15 7.91 -1.27
CA THR B 47 11.24 7.27 -2.06
C THR B 47 11.36 7.96 -3.42
N LYS B 48 10.26 8.09 -4.14
CA LYS B 48 10.31 8.55 -5.55
C LYS B 48 10.71 10.04 -5.52
N ILE B 49 10.15 10.82 -4.60
CA ILE B 49 10.38 12.28 -4.55
C ILE B 49 11.83 12.58 -4.13
N THR B 50 12.38 11.89 -3.13
CA THR B 50 13.78 12.13 -2.75
C THR B 50 14.70 11.67 -3.88
N THR B 51 14.38 10.59 -4.60
CA THR B 51 15.27 10.13 -5.71
C THR B 51 15.28 11.20 -6.80
N ALA B 52 14.12 11.76 -7.16
CA ALA B 52 14.03 12.84 -8.16
C ALA B 52 14.90 14.00 -7.67
N ALA B 53 14.76 14.35 -6.40
CA ALA B 53 15.57 15.45 -5.79
C ALA B 53 17.06 15.21 -6.03
N THR B 54 17.64 14.09 -5.61
CA THR B 54 19.12 13.91 -5.61
C THR B 54 19.62 13.62 -7.02
N SER B 55 18.77 13.10 -7.91
CA SER B 55 19.11 12.73 -9.31
C SER B 55 19.00 13.94 -10.21
N GLY B 56 18.15 14.91 -9.87
CA GLY B 56 18.09 16.20 -10.58
C GLY B 56 17.20 16.14 -11.78
N VAL B 57 16.34 15.13 -11.87
CA VAL B 57 15.39 14.97 -12.99
C VAL B 57 14.08 14.50 -12.40
N GLY B 58 12.98 15.04 -12.93
CA GLY B 58 11.66 14.76 -12.35
C GLY B 58 10.59 15.67 -12.90
N PRO B 59 9.53 15.94 -12.13
CA PRO B 59 8.41 16.73 -12.64
C PRO B 59 8.79 18.20 -12.50
N ASP B 60 7.95 19.09 -13.00
CA ASP B 60 8.04 20.53 -12.69
C ASP B 60 7.52 20.67 -11.25
N LEU B 61 6.32 20.18 -11.00
CA LEU B 61 5.64 20.29 -9.69
C LEU B 61 5.50 18.89 -9.10
N THR B 62 5.61 18.79 -7.78
CA THR B 62 5.22 17.58 -7.02
C THR B 62 4.35 18.00 -5.84
N GLN B 63 3.33 17.22 -5.56
CA GLN B 63 2.70 17.22 -4.22
C GLN B 63 3.77 16.81 -3.19
N LEU B 64 3.75 17.47 -2.03
CA LEU B 64 4.55 17.13 -0.83
C LEU B 64 3.58 17.13 0.35
N GLY B 65 3.62 16.12 1.18
CA GLY B 65 3.04 16.21 2.52
C GLY B 65 3.60 17.42 3.20
N THR B 66 2.77 18.17 3.91
CA THR B 66 3.22 19.31 4.75
C THR B 66 4.43 18.93 5.61
N THR B 67 4.50 17.73 6.20
CA THR B 67 5.59 17.30 7.13
C THR B 67 6.92 17.01 6.41
N TRP B 68 6.93 16.99 5.07
CA TRP B 68 8.10 16.69 4.22
C TRP B 68 8.77 17.96 3.67
N VAL B 69 8.10 19.11 3.74
CA VAL B 69 8.52 20.33 3.02
C VAL B 69 9.89 20.81 3.52
N GLY B 70 10.11 20.85 4.83
CA GLY B 70 11.44 21.24 5.32
C GLY B 70 12.49 20.29 4.80
N ALA B 71 12.18 18.98 4.82
CA ALA B 71 13.16 17.94 4.49
C ALA B 71 13.58 18.08 3.02
N ILE B 72 12.64 18.33 2.13
CA ILE B 72 12.95 18.42 0.66
C ILE B 72 13.64 19.77 0.46
N SER B 73 13.19 20.79 1.19
CA SER B 73 13.75 22.16 1.03
C SER B 73 15.23 22.15 1.39
N ALA B 74 15.60 21.44 2.45
CA ALA B 74 16.98 21.40 2.99
C ALA B 74 17.92 20.75 1.97
N MET B 75 17.39 20.02 0.99
CA MET B 75 18.19 19.35 -0.07
C MET B 75 18.52 20.35 -1.18
N GLY B 76 17.96 21.57 -1.13
CA GLY B 76 18.40 22.68 -2.02
C GLY B 76 17.83 22.57 -3.44
N VAL B 77 16.78 21.78 -3.65
CA VAL B 77 16.24 21.46 -5.01
C VAL B 77 14.94 22.22 -5.28
N LEU B 78 14.41 23.00 -4.35
CA LEU B 78 13.10 23.65 -4.57
C LEU B 78 13.32 25.12 -4.87
N GLU B 79 12.53 25.59 -5.83
CA GLU B 79 12.50 26.99 -6.32
C GLU B 79 11.79 27.86 -5.29
N PRO B 80 12.30 29.06 -4.94
CA PRO B 80 11.53 30.00 -4.13
C PRO B 80 10.16 30.32 -4.74
N VAL B 81 9.13 30.44 -3.89
CA VAL B 81 7.74 30.74 -4.35
C VAL B 81 7.11 31.83 -3.47
N ASP B 82 7.92 32.78 -2.98
CA ASP B 82 7.43 33.96 -2.22
C ASP B 82 6.48 34.79 -3.10
N ASP B 83 6.80 34.90 -4.40
CA ASP B 83 6.03 35.69 -5.40
C ASP B 83 4.61 35.12 -5.46
N VAL B 84 4.49 33.79 -5.63
CA VAL B 84 3.18 33.09 -5.76
C VAL B 84 2.39 33.28 -4.49
N LEU B 85 3.01 33.10 -3.32
CA LEU B 85 2.29 33.19 -2.01
C LEU B 85 1.84 34.65 -1.75
N GLU B 86 2.69 35.63 -2.08
CA GLU B 86 2.36 37.09 -2.02
C GLU B 86 1.10 37.31 -2.88
N ALA B 87 1.13 36.84 -4.13
CA ALA B 87 0.02 37.00 -5.12
C ALA B 87 -1.26 36.32 -4.62
N LEU B 88 -1.16 35.25 -3.85
CA LEU B 88 -2.35 34.57 -3.26
C LEU B 88 -2.80 35.27 -1.96
N GLY B 89 -2.08 36.28 -1.47
CA GLY B 89 -2.57 37.12 -0.35
C GLY B 89 -1.49 37.45 0.67
N GLY B 90 -0.50 36.57 0.82
CA GLY B 90 0.64 36.73 1.73
C GLY B 90 0.43 35.86 2.94
N GLU B 91 1.11 36.15 4.05
CA GLU B 91 0.96 35.42 5.35
C GLU B 91 -0.50 35.43 5.81
N LYS B 92 -1.19 36.57 5.64
CA LYS B 92 -2.60 36.81 6.10
C LYS B 92 -3.57 35.80 5.49
N ALA B 93 -3.35 35.30 4.26
CA ALA B 93 -4.30 34.44 3.52
C ALA B 93 -4.32 33.01 4.07
N TYR B 94 -3.44 32.67 5.01
CA TYR B 94 -3.30 31.27 5.51
C TYR B 94 -3.29 31.27 7.04
N LEU B 95 -3.84 30.21 7.63
CA LEU B 95 -3.65 29.93 9.08
C LEU B 95 -2.15 30.04 9.35
N PRO B 96 -1.66 30.67 10.45
CA PRO B 96 -0.21 30.63 10.74
C PRO B 96 0.39 29.21 10.80
N ALA B 97 -0.36 28.12 11.11
CA ALA B 97 0.16 26.72 11.09
C ALA B 97 0.38 26.20 9.64
N VAL B 98 -0.49 26.59 8.72
CA VAL B 98 -0.39 26.27 7.26
C VAL B 98 0.82 27.06 6.72
N TRP B 99 1.00 28.27 7.22
CA TRP B 99 2.08 29.19 6.77
C TRP B 99 3.45 28.58 7.09
N ARG B 100 3.58 27.91 8.23
CA ARG B 100 4.85 27.30 8.70
C ARG B 100 5.25 26.11 7.82
N THR B 101 4.32 25.48 7.09
CA THR B 101 4.54 24.33 6.17
C THR B 101 4.97 24.80 4.77
N THR B 102 5.03 26.11 4.54
CA THR B 102 5.50 26.67 3.25
C THR B 102 7.04 26.73 3.16
N ARG B 103 7.77 26.40 4.25
CA ARG B 103 9.22 26.61 4.40
C ARG B 103 9.83 25.57 5.36
N LEU B 104 11.13 25.31 5.19
CA LEU B 104 11.98 24.75 6.26
C LEU B 104 11.90 25.68 7.49
N GLU B 105 11.82 25.13 8.72
CA GLU B 105 11.84 26.00 9.91
C GLU B 105 13.03 26.96 9.82
N GLY B 106 12.75 28.26 9.75
CA GLY B 106 13.71 29.36 9.93
C GLY B 106 14.35 29.78 8.63
N ALA B 107 13.81 29.35 7.48
CA ALA B 107 14.36 29.60 6.13
C ALA B 107 13.95 30.97 5.60
N ARG B 108 14.84 31.60 4.82
CA ARG B 108 14.61 32.93 4.17
C ARG B 108 13.34 32.88 3.28
N GLN B 109 13.23 31.86 2.42
CA GLN B 109 12.26 31.81 1.31
C GLN B 109 11.21 30.70 1.55
N ALA B 110 9.99 30.93 1.11
CA ALA B 110 8.98 29.88 0.85
C ALA B 110 9.52 28.95 -0.25
N THR B 111 9.31 27.66 -0.06
CA THR B 111 9.64 26.66 -1.10
C THR B 111 8.42 25.76 -1.36
N ALA B 112 7.26 26.04 -0.78
CA ALA B 112 6.03 25.27 -1.08
C ALA B 112 4.75 26.12 -0.97
N VAL B 113 3.77 25.78 -1.82
CA VAL B 113 2.45 26.46 -1.93
C VAL B 113 1.39 25.57 -1.30
N PRO B 114 0.66 26.06 -0.28
CA PRO B 114 -0.36 25.25 0.35
C PRO B 114 -1.41 24.87 -0.69
N TRP B 115 -1.85 23.62 -0.66
CA TRP B 115 -2.78 23.06 -1.66
C TRP B 115 -4.06 22.63 -0.96
N PHE B 116 -3.95 21.73 0.01
CA PHE B 116 -5.15 21.26 0.76
C PHE B 116 -4.71 20.85 2.16
N SER B 117 -5.65 20.99 3.10
CA SER B 117 -5.46 20.63 4.52
C SER B 117 -6.29 19.39 4.87
N GLU B 118 -5.93 18.81 5.99
CA GLU B 118 -6.37 17.46 6.40
C GLU B 118 -6.18 17.48 7.92
N LEU B 119 -7.22 17.15 8.66
CA LEU B 119 -6.99 16.88 10.09
C LEU B 119 -7.78 15.63 10.51
N ARG B 120 -7.32 15.01 11.58
CA ARG B 120 -7.83 13.69 11.99
C ARG B 120 -8.96 13.87 13.04
N ALA B 121 -10.03 13.13 12.82
CA ALA B 121 -11.08 12.94 13.81
C ALA B 121 -11.54 11.48 13.75
N PHE B 122 -12.43 11.13 14.66
CA PHE B 122 -12.92 9.76 14.80
C PHE B 122 -14.21 9.61 14.00
N TYR B 123 -14.23 8.75 13.00
CA TYR B 123 -15.47 8.14 12.46
C TYR B 123 -15.98 7.09 13.47
N TYR B 124 -17.28 7.10 13.66
CA TYR B 124 -17.93 6.05 14.48
C TYR B 124 -19.19 5.59 13.76
N ARG B 125 -19.59 4.37 14.04
CA ARG B 125 -20.89 3.80 13.58
C ARG B 125 -22.01 4.25 14.53
N THR B 126 -22.89 5.15 14.08
CA THR B 126 -24.04 5.66 14.86
C THR B 126 -24.89 4.47 15.36
N ASP B 127 -25.10 3.45 14.54
CA ASP B 127 -25.94 2.28 14.91
C ASP B 127 -25.24 1.51 16.04
N ALA B 128 -23.92 1.33 15.95
CA ALA B 128 -23.10 0.52 16.88
C ALA B 128 -23.03 1.21 18.24
N LEU B 129 -22.79 2.52 18.29
CA LEU B 129 -22.75 3.26 19.59
C LEU B 129 -24.15 3.36 20.19
N LYS B 130 -25.18 3.47 19.37
CA LYS B 130 -26.56 3.44 19.91
C LYS B 130 -26.82 2.05 20.49
N ALA B 131 -26.58 0.96 19.77
CA ALA B 131 -26.84 -0.40 20.30
C ALA B 131 -26.01 -0.66 21.58
N ALA B 132 -24.89 0.04 21.76
CA ALA B 132 -23.95 -0.17 22.89
C ALA B 132 -24.30 0.74 24.07
N GLY B 133 -25.25 1.68 23.92
CA GLY B 133 -25.65 2.63 24.99
C GLY B 133 -24.60 3.72 25.22
N VAL B 134 -23.76 4.00 24.20
CA VAL B 134 -22.63 4.97 24.30
C VAL B 134 -23.12 6.33 23.80
N ASN B 135 -23.02 7.32 24.70
CA ASN B 135 -23.13 8.78 24.44
C ASN B 135 -21.86 9.25 23.74
N PRO B 136 -21.90 9.53 22.41
CA PRO B 136 -20.70 9.95 21.67
C PRO B 136 -20.01 11.19 22.26
N ALA B 137 -20.77 12.19 22.68
CA ALA B 137 -20.22 13.43 23.27
C ALA B 137 -19.41 13.10 24.51
N GLU B 138 -19.77 12.06 25.28
CA GLU B 138 -19.01 11.61 26.49
C GLU B 138 -17.83 10.76 26.03
N MET B 139 -18.04 9.85 25.09
CA MET B 139 -16.96 8.96 24.65
C MET B 139 -15.82 9.81 24.10
N PHE B 140 -16.10 10.91 23.39
CA PHE B 140 -15.05 11.60 22.59
C PHE B 140 -14.55 12.86 23.31
N ALA B 141 -14.91 13.05 24.58
CA ALA B 141 -14.57 14.23 25.39
C ALA B 141 -13.26 14.02 26.14
N SER B 142 -12.96 12.78 26.58
CA SER B 142 -11.85 12.49 27.54
C SER B 142 -11.31 11.08 27.33
N TRP B 143 -10.07 10.85 27.74
CA TRP B 143 -9.44 9.49 27.75
C TRP B 143 -10.31 8.50 28.53
N GLN B 144 -10.83 8.92 29.68
CA GLN B 144 -11.67 8.04 30.53
C GLN B 144 -12.92 7.65 29.73
N GLY B 145 -13.67 8.63 29.18
CA GLY B 145 -14.86 8.35 28.35
C GLY B 145 -14.51 7.48 27.16
N PHE B 146 -13.39 7.75 26.47
CA PHE B 146 -12.92 6.96 25.31
C PHE B 146 -12.75 5.49 25.71
N GLU B 147 -12.06 5.24 26.80
CA GLU B 147 -11.89 3.85 27.35
C GLU B 147 -13.27 3.22 27.67
N ALA B 148 -14.19 3.99 28.30
CA ALA B 148 -15.48 3.49 28.80
C ALA B 148 -16.39 3.17 27.61
N GLY B 149 -16.31 3.95 26.52
CA GLY B 149 -17.03 3.64 25.28
C GLY B 149 -16.48 2.39 24.58
N LEU B 150 -15.18 2.30 24.44
CA LEU B 150 -14.58 1.08 23.84
C LEU B 150 -15.01 -0.17 24.62
N ALA B 151 -15.08 -0.09 25.96
CA ALA B 151 -15.45 -1.22 26.84
C ALA B 151 -16.94 -1.59 26.64
N ARG B 152 -17.85 -0.63 26.49
CA ARG B 152 -19.27 -0.92 26.16
C ARG B 152 -19.36 -1.52 24.77
N LEU B 153 -18.61 -0.98 23.80
CA LEU B 153 -18.57 -1.53 22.43
C LEU B 153 -18.05 -2.98 22.45
N LYS B 154 -17.07 -3.33 23.26
CA LYS B 154 -16.53 -4.73 23.25
C LYS B 154 -17.63 -5.71 23.70
N ALA B 155 -18.43 -5.29 24.68
CA ALA B 155 -19.40 -6.09 25.47
C ALA B 155 -20.76 -6.13 24.79
N SER B 156 -21.02 -5.18 23.88
CA SER B 156 -22.23 -5.09 23.04
C SER B 156 -22.37 -6.36 22.22
N SER B 157 -23.60 -6.87 22.08
CA SER B 157 -23.93 -8.01 21.21
C SER B 157 -24.32 -7.49 19.82
N PHE B 158 -24.19 -6.19 19.55
CA PHE B 158 -24.48 -5.67 18.19
C PHE B 158 -23.63 -6.41 17.14
N ARG B 159 -24.26 -6.75 16.02
CA ARG B 159 -23.68 -7.37 14.82
C ARG B 159 -24.03 -6.50 13.62
N ASP B 160 -23.11 -6.40 12.65
CA ASP B 160 -23.28 -5.56 11.43
C ASP B 160 -24.37 -6.19 10.57
N PRO B 161 -25.36 -5.43 10.09
CA PRO B 161 -26.40 -5.99 9.23
C PRO B 161 -25.87 -6.84 8.04
N GLU B 162 -24.72 -6.46 7.46
CA GLU B 162 -24.09 -7.11 6.28
C GLU B 162 -23.29 -8.34 6.75
N THR B 163 -22.24 -8.16 7.59
CA THR B 163 -21.30 -9.24 7.99
C THR B 163 -21.97 -10.27 8.91
N LYS B 164 -23.01 -9.88 9.65
CA LYS B 164 -23.63 -10.70 10.73
C LYS B 164 -22.56 -11.14 11.75
N ALA B 165 -21.53 -10.33 11.92
CA ALA B 165 -20.40 -10.55 12.84
C ALA B 165 -20.26 -9.30 13.71
N PRO B 166 -19.62 -9.39 14.90
CA PRO B 166 -19.44 -8.20 15.72
C PRO B 166 -18.51 -7.21 15.00
N LEU B 167 -18.43 -6.02 15.58
CA LEU B 167 -17.45 -4.98 15.21
C LEU B 167 -16.37 -4.94 16.28
N ALA B 168 -15.11 -4.86 15.83
CA ALA B 168 -13.98 -4.39 16.65
C ALA B 168 -14.31 -3.00 17.16
N PRO B 169 -14.17 -2.72 18.47
CA PRO B 169 -14.47 -1.39 18.99
C PRO B 169 -13.66 -0.28 18.28
N LEU B 170 -12.37 -0.56 18.04
CA LEU B 170 -11.42 0.38 17.39
C LEU B 170 -10.48 -0.42 16.48
N CYS B 171 -10.27 0.10 15.29
CA CYS B 171 -9.21 -0.31 14.34
C CYS B 171 -8.27 0.87 14.12
N THR B 172 -6.99 0.57 14.22
CA THR B 172 -5.90 1.52 13.99
C THR B 172 -4.79 0.74 13.31
N PRO B 173 -4.15 1.33 12.28
CA PRO B 173 -3.07 0.64 11.56
C PRO B 173 -1.78 0.53 12.37
N GLY B 174 -1.24 -0.69 12.48
CA GLY B 174 -0.01 -1.00 13.21
C GLY B 174 1.24 -1.05 12.33
N LYS B 175 1.16 -1.11 11.00
CA LYS B 175 2.39 -1.27 10.18
C LYS B 175 2.35 -0.38 8.94
N ASN B 176 3.52 0.20 8.61
CA ASN B 176 4.10 0.67 7.33
C ASN B 176 3.35 1.82 6.65
N SER B 177 2.42 2.50 7.30
CA SER B 177 1.88 3.79 6.82
C SER B 177 2.34 4.92 7.74
N TRP B 178 2.46 6.11 7.17
CA TRP B 178 2.82 7.37 7.87
C TRP B 178 1.87 7.58 9.04
N ASP B 179 0.64 7.07 8.94
CA ASP B 179 -0.37 7.28 10.00
C ASP B 179 -0.02 6.51 11.29
N VAL B 180 0.86 5.52 11.23
CA VAL B 180 1.29 4.86 12.49
C VAL B 180 1.81 6.00 13.39
N LEU B 181 2.54 6.96 12.83
CA LEU B 181 3.01 8.12 13.60
C LEU B 181 1.82 9.08 13.83
N HIS B 182 1.07 9.46 12.78
CA HIS B 182 0.07 10.53 12.94
C HIS B 182 -1.05 10.12 13.94
N ASN B 183 -1.34 8.82 14.07
CA ASN B 183 -2.37 8.26 14.98
C ASN B 183 -1.86 8.20 16.43
N ALA B 184 -0.55 8.08 16.63
CA ALA B 184 0.04 8.02 17.99
C ALA B 184 0.23 9.43 18.56
N ALA B 185 0.55 10.38 17.69
CA ALA B 185 0.90 11.77 18.02
C ALA B 185 -0.11 12.41 18.98
N PRO B 186 -1.44 12.27 18.82
CA PRO B 186 -2.39 13.01 19.68
C PRO B 186 -2.40 12.57 21.14
N TRP B 187 -2.16 11.27 21.34
CA TRP B 187 -2.10 10.63 22.67
C TRP B 187 -0.83 11.10 23.35
N ILE B 188 0.30 11.06 22.66
CA ILE B 188 1.58 11.67 23.09
C ILE B 188 1.35 13.14 23.50
N TRP B 189 0.78 13.95 22.60
CA TRP B 189 0.54 15.40 22.82
C TRP B 189 -0.38 15.58 24.01
N GLY B 190 -1.46 14.80 24.08
CA GLY B 190 -2.48 14.87 25.13
C GLY B 190 -1.91 14.65 26.53
N ALA B 191 -0.86 13.86 26.66
CA ALA B 191 -0.24 13.61 27.99
C ALA B 191 0.83 14.68 28.26
N GLY B 192 0.98 15.67 27.35
CA GLY B 192 1.94 16.78 27.49
C GLY B 192 3.31 16.47 26.89
N GLY B 193 3.43 15.37 26.16
CA GLY B 193 4.67 15.00 25.46
C GLY B 193 4.70 15.53 24.04
N GLU B 194 5.60 15.00 23.22
CA GLU B 194 5.86 15.41 21.82
C GLU B 194 6.68 14.33 21.13
N ILE B 195 6.81 14.47 19.82
CA ILE B 195 7.69 13.63 18.96
C ILE B 195 9.13 14.13 19.11
N VAL B 196 9.33 15.44 19.04
CA VAL B 196 10.69 16.05 19.10
C VAL B 196 10.64 17.29 19.99
N ARG B 197 11.78 17.69 20.51
CA ARG B 197 11.90 18.91 21.35
C ARG B 197 13.27 19.51 21.06
N GLN B 198 13.43 20.82 21.16
CA GLN B 198 14.79 21.35 20.91
C GLN B 198 15.54 21.47 22.23
N ALA B 199 16.62 20.73 22.42
CA ALA B 199 17.40 20.89 23.67
C ALA B 199 18.42 22.01 23.46
N GLY B 200 17.94 23.26 23.38
CA GLY B 200 18.77 24.42 23.05
C GLY B 200 19.29 24.31 21.62
N GLY B 201 18.46 24.66 20.64
CA GLY B 201 18.88 24.63 19.22
C GLY B 201 18.84 23.25 18.58
N ARG B 202 19.63 22.32 19.10
CA ARG B 202 19.69 20.93 18.57
C ARG B 202 18.34 20.23 18.85
N TRP B 203 17.58 19.88 17.80
CA TRP B 203 16.29 19.18 17.95
C TRP B 203 16.61 17.72 18.26
N GLN B 204 15.75 17.04 19.02
CA GLN B 204 16.02 15.63 19.47
C GLN B 204 14.69 14.91 19.71
N SER B 205 14.72 13.58 19.68
CA SER B 205 13.55 12.74 19.97
C SER B 205 13.03 13.06 21.40
N ALA B 206 11.73 13.26 21.56
CA ALA B 206 11.17 13.28 22.93
C ALA B 206 10.21 12.10 23.12
N LEU B 207 10.31 11.07 22.28
CA LEU B 207 9.40 9.90 22.28
C LEU B 207 9.64 9.09 23.53
N ASN B 208 10.83 9.23 24.12
CA ASN B 208 11.17 8.46 25.34
C ASN B 208 11.06 9.36 26.58
N SER B 209 10.46 10.55 26.47
CA SER B 209 10.22 11.41 27.64
C SER B 209 9.13 10.76 28.49
N PRO B 210 9.09 11.04 29.81
CA PRO B 210 8.07 10.43 30.67
C PRO B 210 6.64 10.66 30.17
N GLU B 211 6.32 11.90 29.78
CA GLU B 211 4.96 12.28 29.30
C GLU B 211 4.66 11.60 27.95
N SER B 212 5.57 11.63 26.98
CA SER B 212 5.37 10.88 25.70
C SER B 212 5.18 9.37 25.97
N LEU B 213 5.94 8.77 26.90
CA LEU B 213 5.76 7.33 27.21
C LEU B 213 4.38 7.06 27.84
N GLU B 214 3.89 7.95 28.69
CA GLU B 214 2.55 7.86 29.33
C GLU B 214 1.45 7.85 28.27
N GLY B 215 1.49 8.78 27.29
CA GLY B 215 0.49 8.88 26.19
C GLY B 215 0.51 7.67 25.27
N LEU B 216 1.71 7.25 24.90
CA LEU B 216 1.89 6.11 23.99
C LEU B 216 1.39 4.87 24.72
N TYR B 217 1.78 4.67 25.97
CA TYR B 217 1.31 3.51 26.79
C TYR B 217 -0.23 3.51 26.90
N PHE B 218 -0.86 4.67 27.13
CA PHE B 218 -2.34 4.71 27.15
C PHE B 218 -2.86 4.18 25.82
N PHE B 219 -2.35 4.69 24.69
CA PHE B 219 -2.81 4.29 23.34
C PHE B 219 -2.60 2.76 23.15
N LEU B 220 -1.37 2.29 23.38
CA LEU B 220 -1.01 0.85 23.16
C LEU B 220 -1.87 -0.07 24.01
N SER B 221 -2.08 0.34 25.27
CA SER B 221 -2.82 -0.46 26.27
C SER B 221 -4.27 -0.66 25.82
N LEU B 222 -4.79 0.15 24.89
CA LEU B 222 -6.15 -0.07 24.35
C LEU B 222 -6.18 -1.41 23.61
N ALA B 223 -5.13 -1.73 22.85
CA ALA B 223 -4.97 -3.04 22.19
C ALA B 223 -4.79 -4.15 23.26
N GLN B 224 -4.00 -3.88 24.30
CA GLN B 224 -3.73 -4.83 25.42
C GLN B 224 -5.08 -5.29 26.01
N LYS B 225 -6.08 -4.41 26.08
CA LYS B 225 -7.38 -4.69 26.76
C LYS B 225 -8.37 -5.36 25.79
N GLY B 226 -7.99 -5.56 24.53
CA GLY B 226 -8.87 -6.20 23.52
C GLY B 226 -9.79 -5.23 22.76
N TYR B 227 -9.53 -3.93 22.77
CA TYR B 227 -10.37 -2.93 22.05
C TYR B 227 -9.94 -2.89 20.59
N VAL B 228 -8.67 -3.17 20.33
CA VAL B 228 -8.09 -3.31 18.96
C VAL B 228 -7.78 -4.77 18.76
N PRO B 229 -8.37 -5.42 17.73
CA PRO B 229 -8.11 -6.84 17.50
C PRO B 229 -6.66 -6.98 16.97
N ALA B 230 -5.99 -8.07 17.35
CA ALA B 230 -4.55 -8.31 17.07
C ALA B 230 -4.29 -8.22 15.55
N GLU B 231 -5.17 -8.75 14.72
CA GLU B 231 -5.08 -8.72 13.22
C GLU B 231 -4.92 -7.28 12.72
N SER B 232 -5.55 -6.30 13.37
CA SER B 232 -5.53 -4.86 12.92
C SER B 232 -4.10 -4.30 13.04
N LEU B 233 -3.32 -4.82 13.99
CA LEU B 233 -1.96 -4.34 14.35
C LEU B 233 -0.93 -4.77 13.27
N GLU B 234 -1.30 -5.63 12.32
CA GLU B 234 -0.39 -5.99 11.19
C GLU B 234 -0.83 -5.28 9.91
N LYS B 235 -1.91 -4.48 9.97
CA LYS B 235 -2.48 -3.79 8.79
C LYS B 235 -2.02 -2.32 8.70
N ASN B 236 -2.17 -1.75 7.53
CA ASN B 236 -1.75 -0.36 7.18
C ASN B 236 -3.03 0.44 6.94
N THR B 237 -2.90 1.73 6.67
CA THR B 237 -4.06 2.66 6.63
C THR B 237 -5.10 2.14 5.64
N ALA B 238 -4.67 1.79 4.43
CA ALA B 238 -5.59 1.43 3.32
C ALA B 238 -6.50 0.29 3.79
N GLN B 239 -5.90 -0.71 4.42
CA GLN B 239 -6.61 -1.92 4.86
C GLN B 239 -7.56 -1.61 6.02
N ILE B 240 -7.19 -0.71 6.95
CA ILE B 240 -8.10 -0.32 8.07
C ILE B 240 -9.28 0.48 7.50
N GLU B 241 -9.01 1.41 6.58
CA GLU B 241 -10.05 2.15 5.84
C GLU B 241 -11.03 1.11 5.25
N ALA B 242 -10.49 0.11 4.54
CA ALA B 242 -11.29 -0.91 3.85
C ALA B 242 -12.11 -1.68 4.89
N ASP B 243 -11.52 -2.01 6.02
CA ASP B 243 -12.25 -2.77 7.08
C ASP B 243 -13.40 -1.92 7.67
N PHE B 244 -13.19 -0.63 7.92
CA PHE B 244 -14.30 0.24 8.38
C PHE B 244 -15.42 0.22 7.34
N GLN B 245 -15.08 0.42 6.05
CA GLN B 245 -16.04 0.47 4.90
C GLN B 245 -16.82 -0.84 4.83
N ALA B 246 -16.14 -1.97 5.05
CA ALA B 246 -16.73 -3.33 5.06
C ALA B 246 -17.47 -3.63 6.37
N GLY B 247 -17.55 -2.71 7.33
CA GLY B 247 -18.43 -2.87 8.51
C GLY B 247 -17.80 -3.70 9.61
N LYS B 248 -16.49 -3.69 9.77
CA LYS B 248 -15.75 -4.56 10.73
C LYS B 248 -15.32 -3.77 11.97
N CYS B 249 -15.38 -2.42 11.92
CA CYS B 249 -14.88 -1.50 12.99
C CYS B 249 -15.99 -0.50 13.39
N ALA B 250 -16.17 -0.27 14.68
CA ALA B 250 -17.14 0.71 15.23
C ALA B 250 -16.52 2.12 15.20
N VAL B 251 -15.19 2.24 15.33
CA VAL B 251 -14.48 3.54 15.46
C VAL B 251 -13.15 3.47 14.70
N PHE B 252 -12.80 4.55 14.01
CA PHE B 252 -11.50 4.67 13.34
C PHE B 252 -11.14 6.14 13.14
N ALA B 253 -9.88 6.51 13.35
CA ALA B 253 -9.37 7.87 13.15
C ALA B 253 -8.96 8.00 11.67
N SER B 254 -9.37 9.10 11.05
CA SER B 254 -9.13 9.40 9.63
C SER B 254 -9.39 10.87 9.34
N GLY B 255 -9.21 11.26 8.08
CA GLY B 255 -9.34 12.64 7.61
C GLY B 255 -10.71 12.84 7.01
N PRO B 256 -11.04 14.09 6.59
CA PRO B 256 -12.39 14.45 6.11
C PRO B 256 -12.80 13.80 4.78
N TRP B 257 -11.83 13.27 4.04
CA TRP B 257 -12.09 12.63 2.70
C TRP B 257 -13.13 11.52 2.79
N MET B 258 -13.22 10.77 3.88
CA MET B 258 -14.15 9.61 3.97
C MET B 258 -15.58 10.09 3.80
N ILE B 259 -15.91 11.31 4.25
CA ILE B 259 -17.27 11.90 4.05
C ILE B 259 -17.60 11.87 2.56
N GLN B 260 -16.69 12.38 1.73
CA GLN B 260 -16.83 12.34 0.26
C GLN B 260 -16.94 10.88 -0.23
N ARG B 261 -16.11 9.94 0.26
CA ARG B 261 -16.15 8.55 -0.27
C ARG B 261 -17.49 7.90 0.08
N ALA B 262 -18.11 8.33 1.19
CA ALA B 262 -19.41 7.80 1.67
C ALA B 262 -20.52 8.23 0.70
N GLN B 263 -20.31 9.30 -0.11
CA GLN B 263 -21.29 9.86 -1.10
C GLN B 263 -21.16 9.19 -2.47
N VAL B 264 -20.05 8.53 -2.74
CA VAL B 264 -19.69 8.05 -4.10
C VAL B 264 -19.86 6.54 -4.14
N PRO B 265 -20.50 5.98 -5.20
CA PRO B 265 -20.76 4.54 -5.23
C PRO B 265 -19.45 3.74 -5.32
N GLU B 266 -19.48 2.46 -4.93
CA GLU B 266 -18.33 1.50 -5.03
C GLU B 266 -17.66 1.61 -6.41
N ALA B 267 -18.44 1.60 -7.49
CA ALA B 267 -17.93 1.58 -8.88
C ALA B 267 -17.07 2.82 -9.18
N LYS B 268 -17.22 3.91 -8.43
CA LYS B 268 -16.37 5.12 -8.65
C LYS B 268 -15.37 5.33 -7.53
N GLY B 269 -15.07 4.33 -6.69
CA GLY B 269 -14.01 4.44 -5.66
C GLY B 269 -14.50 4.88 -4.26
N GLY B 270 -15.81 4.76 -3.98
CA GLY B 270 -16.40 5.06 -2.66
C GLY B 270 -17.11 3.86 -2.03
N PHE B 271 -17.94 4.07 -1.02
CA PHE B 271 -18.64 3.02 -0.25
C PHE B 271 -20.08 3.42 0.11
N ALA B 272 -20.76 4.20 -0.73
CA ALA B 272 -22.13 4.72 -0.50
C ALA B 272 -23.13 3.58 -0.27
N GLU B 273 -22.95 2.44 -0.95
CA GLU B 273 -23.76 1.19 -0.82
C GLU B 273 -23.62 0.51 0.54
N ARG B 274 -22.60 0.82 1.36
CA ARG B 274 -22.31 0.07 2.62
C ARG B 274 -23.04 0.68 3.84
N THR B 275 -23.42 -0.20 4.77
CA THR B 275 -24.13 0.16 6.01
C THR B 275 -23.35 1.27 6.74
N ALA B 276 -22.02 1.22 6.73
CA ALA B 276 -21.14 2.22 7.39
C ALA B 276 -21.40 3.65 6.82
N ALA B 277 -21.60 3.78 5.51
CA ALA B 277 -21.89 5.07 4.83
C ALA B 277 -23.20 5.67 5.33
N LYS B 278 -24.16 4.84 5.77
CA LYS B 278 -25.52 5.30 6.16
C LYS B 278 -25.63 5.51 7.68
N ASN B 279 -24.61 5.08 8.43
CA ASN B 279 -24.58 5.06 9.91
C ASN B 279 -23.28 5.72 10.37
N LEU B 280 -22.92 6.82 9.73
CA LEU B 280 -21.60 7.50 9.87
C LEU B 280 -21.77 8.67 10.82
N GLY B 281 -20.92 8.70 11.83
CA GLY B 281 -20.74 9.81 12.78
C GLY B 281 -19.30 10.26 12.81
N VAL B 282 -19.07 11.45 13.30
CA VAL B 282 -17.74 12.08 13.39
C VAL B 282 -17.66 12.75 14.75
N ALA B 283 -16.49 12.66 15.37
CA ALA B 283 -16.22 13.33 16.65
C ALA B 283 -14.76 13.64 16.75
N PRO B 284 -14.36 14.76 17.39
CA PRO B 284 -12.95 15.09 17.56
C PRO B 284 -12.28 14.09 18.51
N TYR B 285 -10.95 14.08 18.49
CA TYR B 285 -10.12 13.41 19.52
C TYR B 285 -10.60 13.84 20.91
N PRO B 286 -10.46 12.97 21.92
CA PRO B 286 -10.73 13.36 23.30
C PRO B 286 -9.57 14.21 23.85
N ALA B 287 -9.88 15.10 24.76
CA ALA B 287 -8.91 15.75 25.70
C ALA B 287 -8.13 14.67 26.48
N GLY B 288 -6.80 14.78 26.48
CA GLY B 288 -5.88 14.14 27.45
C GLY B 288 -5.72 14.94 28.75
N PRO B 289 -4.88 14.49 29.69
CA PRO B 289 -4.69 15.25 30.91
C PRO B 289 -4.18 16.67 30.62
N LYS B 290 -3.33 16.86 29.62
CA LYS B 290 -2.60 18.16 29.44
C LYS B 290 -3.17 18.97 28.28
N GLY B 291 -4.19 18.48 27.60
CA GLY B 291 -4.68 19.17 26.39
C GLY B 291 -5.47 18.29 25.45
N ARG B 292 -6.16 18.97 24.55
CA ARG B 292 -6.87 18.33 23.42
C ARG B 292 -6.12 18.67 22.13
N TYR B 293 -5.71 17.65 21.40
CA TYR B 293 -4.89 17.81 20.17
C TYR B 293 -5.31 16.74 19.18
N THR B 294 -5.16 17.04 17.92
CA THR B 294 -5.25 16.10 16.80
C THR B 294 -4.20 16.50 15.79
N PHE B 295 -3.91 15.60 14.87
CA PHE B 295 -2.96 15.83 13.78
C PHE B 295 -3.59 16.79 12.76
N PHE B 296 -2.91 17.89 12.46
CA PHE B 296 -3.19 18.82 11.35
C PHE B 296 -2.04 18.67 10.36
N GLY B 297 -2.37 18.28 9.14
CA GLY B 297 -1.45 18.11 8.00
C GLY B 297 -2.15 18.46 6.71
N GLY B 298 -1.93 17.65 5.68
CA GLY B 298 -2.26 18.01 4.31
C GLY B 298 -1.05 17.95 3.38
N SER B 299 -1.15 18.65 2.25
CA SER B 299 -0.24 18.53 1.11
C SER B 299 -0.10 19.92 0.52
N ASN B 300 1.13 20.26 0.22
CA ASN B 300 1.52 21.50 -0.48
C ASN B 300 2.03 21.07 -1.87
N LEU B 301 2.28 22.06 -2.73
CA LEU B 301 2.89 21.89 -4.08
C LEU B 301 4.26 22.59 -4.17
N ALA B 302 5.29 21.90 -4.64
CA ALA B 302 6.67 22.42 -4.77
C ALA B 302 7.10 22.38 -6.23
N LEU B 303 8.01 23.28 -6.58
CA LEU B 303 8.57 23.43 -7.93
C LEU B 303 10.04 23.07 -7.84
N PHE B 304 10.47 22.00 -8.50
CA PHE B 304 11.92 21.65 -8.58
C PHE B 304 12.66 22.74 -9.36
N ASN B 305 13.79 23.19 -8.82
CA ASN B 305 14.61 24.29 -9.40
C ASN B 305 15.27 23.85 -10.71
N PHE B 306 15.18 22.58 -11.07
CA PHE B 306 15.75 22.06 -12.36
C PHE B 306 14.63 22.01 -13.38
N SER B 307 13.43 22.48 -13.04
CA SER B 307 12.34 22.63 -14.04
C SER B 307 12.77 23.61 -15.14
N LYS B 308 12.28 23.35 -16.37
CA LYS B 308 12.57 24.17 -17.59
C LYS B 308 11.38 25.09 -17.91
N ASN B 309 10.33 25.06 -17.09
CA ASN B 309 9.02 25.71 -17.38
C ASN B 309 8.58 26.49 -16.14
N LYS B 310 9.49 27.24 -15.53
CA LYS B 310 9.27 27.82 -14.17
C LYS B 310 8.15 28.86 -14.18
N PRO B 311 8.19 29.90 -15.05
CA PRO B 311 7.08 30.85 -15.13
C PRO B 311 5.71 30.18 -15.33
N LEU B 312 5.60 29.21 -16.25
CA LEU B 312 4.33 28.51 -16.51
C LEU B 312 3.91 27.71 -15.26
N ALA B 313 4.84 26.95 -14.65
CA ALA B 313 4.56 26.14 -13.44
C ALA B 313 4.14 27.06 -12.27
N LYS B 314 4.74 28.26 -12.16
CA LYS B 314 4.31 29.28 -11.15
C LYS B 314 2.88 29.75 -11.46
N GLU B 315 2.48 29.82 -12.74
CA GLU B 315 1.06 30.12 -13.11
C GLU B 315 0.18 28.96 -12.62
N LEU B 316 0.60 27.71 -12.79
CA LEU B 316 -0.21 26.54 -12.34
C LEU B 316 -0.37 26.60 -10.81
N LEU B 317 0.67 27.00 -10.09
CA LEU B 317 0.67 27.07 -8.60
C LEU B 317 -0.30 28.16 -8.17
N LYS B 318 -0.22 29.35 -8.77
CA LYS B 318 -1.16 30.46 -8.51
C LYS B 318 -2.56 29.94 -8.75
N TYR B 319 -2.80 29.24 -9.85
CA TYR B 319 -4.13 28.66 -10.19
C TYR B 319 -4.60 27.67 -9.10
N LEU B 320 -3.78 26.67 -8.81
CA LEU B 320 -4.17 25.57 -7.89
C LEU B 320 -4.26 26.11 -6.45
N GLY B 321 -3.48 27.16 -6.13
CA GLY B 321 -3.51 27.78 -4.80
C GLY B 321 -4.63 28.79 -4.64
N GLY B 322 -5.31 29.19 -5.72
CA GLY B 322 -6.26 30.31 -5.71
C GLY B 322 -7.70 29.83 -5.42
N PRO B 323 -8.62 30.77 -5.11
CA PRO B 323 -9.97 30.43 -4.64
C PRO B 323 -10.78 29.45 -5.50
N GLU B 324 -10.91 29.66 -6.81
CA GLU B 324 -11.65 28.76 -7.78
C GLU B 324 -11.22 27.32 -7.52
N ALA B 325 -9.93 27.05 -7.77
CA ALA B 325 -9.35 25.69 -7.76
C ALA B 325 -9.34 25.17 -6.30
N GLN B 326 -9.13 26.04 -5.31
CA GLN B 326 -9.08 25.63 -3.88
C GLN B 326 -10.44 25.03 -3.49
N VAL B 327 -11.54 25.71 -3.83
CA VAL B 327 -12.93 25.22 -3.56
C VAL B 327 -13.12 23.92 -4.36
N ARG B 328 -12.86 23.94 -5.67
CA ARG B 328 -13.20 22.79 -6.55
C ARG B 328 -12.51 21.50 -6.11
N TYR B 329 -11.21 21.54 -5.79
CA TYR B 329 -10.46 20.29 -5.52
C TYR B 329 -10.83 19.76 -4.13
N ALA B 330 -11.18 20.63 -3.19
CA ALA B 330 -11.65 20.21 -1.85
C ALA B 330 -12.99 19.47 -2.00
N GLN B 331 -13.91 19.98 -2.85
CA GLN B 331 -15.15 19.25 -3.24
C GLN B 331 -14.83 17.87 -3.85
N MET B 332 -13.83 17.79 -4.73
CA MET B 332 -13.53 16.53 -5.48
C MET B 332 -12.91 15.50 -4.51
N THR B 333 -12.08 15.93 -3.56
CA THR B 333 -11.23 15.08 -2.71
C THR B 333 -11.89 14.81 -1.36
N GLY B 334 -12.73 15.75 -0.91
CA GLY B 334 -13.32 15.77 0.42
C GLY B 334 -12.33 16.29 1.44
N MET B 335 -11.25 16.92 0.98
CA MET B 335 -10.24 17.56 1.86
C MET B 335 -10.76 18.96 2.16
N LEU B 336 -10.05 19.70 3.01
CA LEU B 336 -10.32 21.11 3.23
C LEU B 336 -9.36 21.91 2.39
N PRO B 337 -9.80 23.07 1.87
CA PRO B 337 -8.90 24.02 1.22
C PRO B 337 -7.77 24.44 2.16
N ALA B 338 -6.59 24.74 1.61
CA ALA B 338 -5.44 25.28 2.38
C ALA B 338 -5.65 26.78 2.56
N LEU B 339 -6.16 27.43 1.52
CA LEU B 339 -6.46 28.89 1.54
C LEU B 339 -7.58 29.15 2.55
N ARG B 340 -7.30 29.95 3.58
CA ARG B 340 -8.28 30.19 4.69
C ARG B 340 -9.64 30.62 4.10
N SER B 341 -9.63 31.65 3.24
CA SER B 341 -10.86 32.30 2.72
C SER B 341 -11.79 31.25 2.11
N ALA B 342 -11.28 30.12 1.59
CA ALA B 342 -12.10 29.10 0.91
C ALA B 342 -12.97 28.28 1.88
N TRP B 343 -12.69 28.25 3.18
CA TRP B 343 -13.52 27.48 4.16
C TRP B 343 -14.95 28.05 4.24
N SER B 344 -15.09 29.34 3.95
CA SER B 344 -16.37 30.10 3.97
C SER B 344 -17.39 29.44 3.03
N ASP B 345 -16.94 28.99 1.85
CA ASP B 345 -17.82 28.54 0.74
C ASP B 345 -18.97 27.70 1.31
N PRO B 346 -20.23 28.00 0.93
CA PRO B 346 -21.40 27.28 1.49
C PRO B 346 -21.40 25.76 1.32
N SER B 347 -20.77 25.20 0.28
CA SER B 347 -20.62 23.72 0.11
C SER B 347 -19.94 23.09 1.33
N PHE B 348 -19.17 23.87 2.12
CA PHE B 348 -18.39 23.37 3.29
C PHE B 348 -19.16 23.54 4.61
N GLN B 349 -19.96 24.59 4.74
CA GLN B 349 -20.75 24.86 5.97
C GLN B 349 -22.15 24.24 5.84
N GLN B 350 -22.44 23.50 4.75
CA GLN B 350 -23.75 22.83 4.50
C GLN B 350 -23.70 21.32 4.79
N ASN B 351 -22.52 20.77 5.07
CA ASN B 351 -22.25 19.31 5.25
C ASN B 351 -22.05 19.04 6.75
N PRO B 352 -23.00 18.39 7.43
CA PRO B 352 -22.92 18.25 8.90
C PRO B 352 -21.61 17.64 9.44
N LEU B 353 -21.14 16.52 8.84
CA LEU B 353 -19.92 15.78 9.29
C LEU B 353 -18.69 16.65 9.07
N LEU B 354 -18.67 17.39 7.97
CA LEU B 354 -17.53 18.23 7.60
C LEU B 354 -17.42 19.39 8.59
N ARG B 355 -18.58 19.90 9.06
CA ARG B 355 -18.65 20.91 10.15
C ARG B 355 -17.91 20.37 11.35
N THR B 356 -18.09 19.11 11.73
CA THR B 356 -17.34 18.56 12.90
C THR B 356 -15.81 18.61 12.65
N PHE B 357 -15.31 18.31 11.44
CA PHE B 357 -13.85 18.45 11.15
C PHE B 357 -13.43 19.92 11.22
N ILE B 358 -14.27 20.78 10.63
CA ILE B 358 -13.97 22.23 10.56
C ILE B 358 -13.91 22.78 11.98
N GLN B 359 -14.92 22.49 12.83
CA GLN B 359 -15.05 23.05 14.21
C GLN B 359 -14.08 22.31 15.16
N ALA B 360 -13.36 21.27 14.69
CA ALA B 360 -12.25 20.57 15.40
C ALA B 360 -10.87 21.21 15.12
N ALA B 361 -10.74 22.05 14.08
CA ALA B 361 -9.45 22.54 13.59
C ALA B 361 -8.66 23.23 14.72
N GLN B 362 -9.34 23.91 15.63
CA GLN B 362 -8.72 24.60 16.80
C GLN B 362 -7.80 23.65 17.57
N PHE B 363 -8.05 22.33 17.54
CA PHE B 363 -7.17 21.35 18.25
C PHE B 363 -6.10 20.75 17.32
N GLY B 364 -6.00 21.20 16.06
CA GLY B 364 -4.99 20.66 15.12
C GLY B 364 -3.58 21.07 15.51
N ARG B 365 -2.64 20.14 15.49
CA ARG B 365 -1.23 20.43 15.78
C ARG B 365 -0.39 19.79 14.67
N THR B 366 0.76 20.39 14.41
CA THR B 366 1.68 20.10 13.29
C THR B 366 3.01 19.70 13.94
N TYR B 367 3.85 18.93 13.23
CA TYR B 367 5.28 18.73 13.57
C TYR B 367 6.06 19.96 13.13
N PRO B 368 7.15 20.30 13.82
CA PRO B 368 7.99 21.41 13.34
C PRO B 368 8.56 20.91 12.00
N SER B 369 8.86 21.83 11.11
CA SER B 369 9.14 21.57 9.69
C SER B 369 10.66 21.35 9.54
N LEU B 370 11.16 20.20 9.98
CA LEU B 370 12.62 19.97 10.18
C LEU B 370 13.30 19.32 8.97
N ALA B 371 14.59 19.63 8.83
CA ALA B 371 15.53 19.18 7.78
C ALA B 371 15.45 17.68 7.57
N GLY B 372 15.52 16.85 8.62
CA GLY B 372 15.56 15.38 8.43
C GLY B 372 14.21 14.71 8.74
N TRP B 373 13.10 15.45 8.60
CA TRP B 373 11.78 14.95 9.08
C TRP B 373 11.35 13.69 8.31
N GLY B 374 11.79 13.55 7.06
CA GLY B 374 11.47 12.33 6.28
C GLY B 374 12.00 11.08 6.97
N GLY B 375 13.27 11.12 7.40
CA GLY B 375 13.90 9.97 8.08
C GLY B 375 13.23 9.71 9.41
N VAL B 376 12.74 10.76 10.08
CA VAL B 376 12.06 10.66 11.41
C VAL B 376 10.76 9.87 11.23
N GLU B 377 10.03 10.15 10.18
CA GLU B 377 8.73 9.45 9.94
C GLU B 377 9.02 7.96 9.67
N ASN B 378 9.98 7.64 8.79
CA ASN B 378 10.37 6.23 8.53
C ASN B 378 10.69 5.52 9.86
N LEU B 379 11.53 6.11 10.70
CA LEU B 379 12.05 5.42 11.91
C LEU B 379 10.94 5.32 12.95
N ALA B 380 10.12 6.37 13.11
CA ALA B 380 8.99 6.38 14.07
C ALA B 380 7.97 5.31 13.66
N VAL B 381 7.70 5.19 12.37
CA VAL B 381 6.75 4.17 11.85
C VAL B 381 7.32 2.77 12.12
N GLN B 382 8.58 2.53 11.77
CA GLN B 382 9.26 1.23 12.05
C GLN B 382 9.19 0.92 13.57
N HIS B 383 9.61 1.83 14.44
CA HIS B 383 9.73 1.59 15.90
C HIS B 383 8.33 1.52 16.54
N LEU B 384 7.39 2.38 16.18
CA LEU B 384 6.01 2.29 16.69
C LEU B 384 5.37 0.98 16.18
N GLY B 385 5.68 0.56 14.94
CA GLY B 385 5.25 -0.78 14.46
C GLY B 385 5.63 -1.86 15.46
N MET B 386 6.89 -1.84 15.87
CA MET B 386 7.48 -2.86 16.76
C MET B 386 6.84 -2.71 18.16
N ALA B 387 6.27 -1.56 18.48
CA ALA B 387 5.64 -1.33 19.81
C ALA B 387 4.26 -2.01 19.82
N TRP B 388 3.53 -1.93 18.70
CA TRP B 388 2.28 -2.69 18.50
C TRP B 388 2.54 -4.20 18.61
N ASP B 389 3.65 -4.67 18.02
CA ASP B 389 4.11 -6.10 18.12
C ASP B 389 4.19 -6.54 19.58
N LEU B 390 4.75 -5.72 20.47
CA LEU B 390 4.85 -6.06 21.91
C LEU B 390 3.46 -6.44 22.46
N VAL B 391 2.38 -5.78 22.01
CA VAL B 391 0.99 -6.09 22.49
C VAL B 391 0.54 -7.41 21.85
N ALA B 392 0.69 -7.57 20.54
CA ALA B 392 0.31 -8.80 19.80
C ALA B 392 1.05 -10.01 20.39
N GLN B 393 2.28 -9.83 20.89
CA GLN B 393 3.11 -10.93 21.48
C GLN B 393 2.96 -10.92 23.01
N GLY B 394 2.05 -10.13 23.56
CA GLY B 394 1.74 -10.12 25.01
C GLY B 394 2.89 -9.62 25.88
N ARG B 395 3.84 -8.86 25.33
CA ARG B 395 5.12 -8.46 26.00
C ARG B 395 5.12 -6.97 26.39
N LEU B 396 3.99 -6.25 26.33
CA LEU B 396 4.04 -4.78 26.61
C LEU B 396 4.05 -4.53 28.11
N THR B 397 5.16 -4.00 28.61
CA THR B 397 5.29 -3.47 29.99
C THR B 397 5.83 -2.06 29.88
N ARG B 398 5.70 -1.29 30.95
CA ARG B 398 6.27 0.07 31.11
C ARG B 398 7.74 0.02 30.67
N GLU B 399 8.51 -0.96 31.12
CA GLU B 399 9.98 -0.99 30.94
C GLU B 399 10.31 -1.49 29.52
N ALA B 400 9.50 -2.39 28.96
CA ALA B 400 9.67 -2.86 27.57
C ALA B 400 9.38 -1.71 26.57
N LEU B 401 8.39 -0.85 26.84
CA LEU B 401 8.09 0.34 26.00
C LEU B 401 9.25 1.32 26.11
N LYS B 402 9.67 1.66 27.33
CA LYS B 402 10.81 2.59 27.60
C LYS B 402 12.03 2.13 26.81
N ASP B 403 12.44 0.87 27.00
CA ASP B 403 13.60 0.29 26.28
C ASP B 403 13.41 0.56 24.78
N LEU B 404 12.25 0.17 24.27
CA LEU B 404 11.94 0.23 22.82
C LEU B 404 12.02 1.67 22.32
N MET B 405 11.46 2.62 23.06
CA MET B 405 11.44 4.05 22.66
C MET B 405 12.83 4.68 22.90
N ASP B 406 13.65 4.11 23.79
CA ASP B 406 15.08 4.53 23.91
C ASP B 406 15.78 4.26 22.58
N LYS B 407 15.54 3.08 22.01
CA LYS B 407 16.14 2.68 20.71
C LYS B 407 15.55 3.57 19.63
N ALA B 408 14.23 3.80 19.64
CA ALA B 408 13.54 4.66 18.64
C ALA B 408 14.23 6.03 18.67
N SER B 409 14.43 6.58 19.87
CA SER B 409 15.00 7.95 20.08
C SER B 409 16.43 8.03 19.54
N ALA B 410 17.28 7.07 19.91
CA ALA B 410 18.67 6.96 19.39
C ALA B 410 18.63 7.00 17.84
N ALA B 411 17.82 6.15 17.20
CA ALA B 411 17.67 6.06 15.74
C ALA B 411 17.19 7.41 15.18
N ILE B 412 16.20 8.03 15.82
CA ILE B 412 15.59 9.29 15.32
C ILE B 412 16.63 10.41 15.45
N ASN B 413 17.45 10.37 16.48
CA ASN B 413 18.52 11.39 16.73
C ASN B 413 19.56 11.31 15.60
N GLN B 414 19.87 10.11 15.09
CA GLN B 414 20.81 9.96 13.95
C GLN B 414 20.17 10.60 12.73
N ALA B 415 18.92 10.25 12.42
CA ALA B 415 18.16 10.75 11.26
C ALA B 415 18.04 12.28 11.30
N LEU B 416 17.76 12.89 12.46
CA LEU B 416 17.66 14.37 12.59
C LEU B 416 19.02 15.03 12.32
N ARG B 417 20.14 14.31 12.32
CA ARG B 417 21.40 15.05 12.03
C ARG B 417 21.89 14.72 10.62
N HIS B 418 21.76 13.49 10.13
CA HIS B 418 22.15 13.15 8.75
C HIS B 418 21.14 12.18 8.12
N HIS B 419 21.11 12.16 6.77
CA HIS B 419 20.33 11.23 5.92
C HIS B 419 20.69 9.75 6.20
N HIS B 420 19.66 8.89 6.20
CA HIS B 420 19.66 7.39 6.20
C HIS B 420 20.91 6.85 5.49
C2 BGC C . 0.61 -10.07 -6.53
C3 BGC C . 1.77 -9.43 -7.26
C4 BGC C . 1.83 -7.95 -7.01
C5 BGC C . 1.79 -7.67 -5.51
C6 BGC C . 1.77 -6.21 -5.09
C1 BGC C . 0.71 -9.66 -5.06
O1 BGC C . -0.31 -10.21 -4.24
O2 BGC C . 0.68 -11.48 -6.78
O3 BGC C . 1.53 -9.71 -8.63
O4 BGC C . 3.00 -7.38 -7.63
O5 BGC C . 0.57 -8.24 -5.01
O6 BGC C . 1.33 -6.20 -3.71
C2 BGC C . -0.45 -13.43 -7.58
C3 BGC C . -1.69 -14.29 -7.45
C4 BGC C . -2.17 -14.40 -6.03
C5 BGC C . -2.31 -12.99 -5.45
C6 BGC C . -2.90 -12.98 -4.04
C1 BGC C . -0.57 -12.11 -6.83
O2 BGC C . -0.23 -13.18 -8.97
O3 BGC C . -1.39 -15.60 -8.02
O4 BGC C . -3.43 -15.11 -6.04
O5 BGC C . -1.03 -12.32 -5.48
O6 BGC C . -2.18 -13.86 -3.13
C2 BGC D . -1.56 10.77 4.41
C3 BGC D . -3.07 10.59 4.44
C4 BGC D . -3.45 9.45 3.51
C5 BGC D . -2.72 8.21 3.96
C6 BGC D . -2.87 7.04 3.03
C1 BGC D . -1.04 9.43 4.93
O1 BGC D . 0.35 9.45 5.12
O2 BGC D . -1.19 11.87 5.26
O3 BGC D . -3.71 11.81 4.09
O4 BGC D . -4.84 9.16 3.60
O5 BGC D . -1.33 8.41 3.98
O6 BGC D . -2.02 6.10 3.69
C2 BGC D . -0.32 13.94 5.65
C3 BGC D . 0.83 14.89 5.46
C4 BGC D . 2.15 14.23 5.82
C5 BGC D . 2.34 12.97 5.05
C6 BGC D . 3.66 12.31 5.44
C1 BGC D . -0.08 12.66 4.88
O2 BGC D . -1.53 14.56 5.18
O3 BGC D . 0.60 16.01 6.29
O4 BGC D . 3.17 15.15 5.47
O5 BGC D . 1.20 12.09 5.23
O6 BGC D . 3.66 11.60 6.70
CL CL E . 2.11 -25.70 -1.28
CL CL F . 2.07 -29.33 -12.73
C1 EDO G . 1.80 -5.09 -9.84
O1 EDO G . 2.48 -4.89 -11.07
C2 EDO G . 2.38 -4.26 -8.74
O2 EDO G . 3.51 -4.83 -8.13
C1 EDO H . -26.23 -2.80 -32.69
O1 EDO H . -24.95 -2.94 -33.28
C2 EDO H . -26.33 -3.58 -31.44
O2 EDO H . -26.80 -2.80 -30.36
CL CL I . 5.91 17.12 18.04
CL CL J . -7.96 8.05 -12.30
#